data_3TSU
#
_entry.id   3TSU
#
_cell.length_a   46.329
_cell.length_b   75.051
_cell.length_c   201.321
_cell.angle_alpha   90.00
_cell.angle_beta   90.00
_cell.angle_gamma   90.00
#
_symmetry.space_group_name_H-M   'P 21 21 21'
#
loop_
_entity.id
_entity.type
_entity.pdbx_description
1 polymer 'Transcriptional regulatory protein'
2 non-polymer 'ZINC ION'
3 non-polymer 'MAGNESIUM ION'
4 non-polymer "ADENOSINE-5'-DIPHOSPHATE"
5 non-polymer 'PHOSPHOAMINOPHOSPHONIC ACID-ADENYLATE ESTER'
6 water water
#
_entity_poly.entity_id   1
_entity_poly.type   'polypeptide(L)'
_entity_poly.pdbx_seq_one_letter_code
;GSQSAGGAMNTQIVPDAATCPACLAEMNTPGERRYRYPFINCTHCGPRFTIIRAMPYDRPFTVMAAFPLCPACDKEYRDP
LDRRFHAQPVACPECGPYLEWVSHGEHAEQEAALQAAIAQLKMGNIVAIKGIGGFHLACDARNSNAVATLRARKHRPAKP
LAVMLPVADGLPDAARQLLTTPAAPIVLVDKKYVPELCDDIAPGLNEVGVMLPANPLQHLLLQELQCPLVMTSGNLSGKP
PAISNEQALEDLQGIADGFLIHNRDIVQRMDDSVVRESGEMLRRSRGYVPDALALPPGFKNVPPVLCLGADLKNTFCLVR
GEQVVLSQHLGDLSDDGIQTQWREALRLMQNIYNFTPQYVVHDAHPGYVSCQWASEMNLPTQTVLHHHAHAAACLAEHQW
PLDGGDVIALTLDGIGMGENGALWGGECLRVNYRECEHLGGLPAVALPGGDLAAKQPWRNLLAQCLRFVPEWQNYPETAS
VAAANWSVLARAIERGINAPLASSCGRLFDAVAAALGCAPATLSYEGEAACALEALAASCDGVTHPVTMPRVDNQLDLAT
FWQQWLNWQAPVNQRAWAFHDALAQGFAALMREQATMRGITTLVFSGGVIHNRLLRARLAHYLADFTLLFPQSLPAGDGG
LSLGQGVIAAARWLAGE
;
_entity_poly.pdbx_strand_id   A
#
loop_
_chem_comp.id
_chem_comp.type
_chem_comp.name
_chem_comp.formula
ADP non-polymer ADENOSINE-5'-DIPHOSPHATE 'C10 H15 N5 O10 P2'
ANP non-polymer 'PHOSPHOAMINOPHOSPHONIC ACID-ADENYLATE ESTER' 'C10 H17 N6 O12 P3'
MG non-polymer 'MAGNESIUM ION' 'Mg 2'
ZN non-polymer 'ZINC ION' 'Zn 2'
#
# COMPACT_ATOMS: atom_id res chain seq x y z
N GLN A 12 -5.27 27.33 -0.05
CA GLN A 12 -5.04 25.97 -0.56
C GLN A 12 -4.02 25.26 0.30
N ILE A 13 -4.34 24.07 0.79
CA ILE A 13 -3.27 23.27 1.39
C ILE A 13 -2.77 22.23 0.43
N VAL A 14 -1.47 22.14 0.41
CA VAL A 14 -0.74 21.33 -0.52
C VAL A 14 -0.19 20.18 0.33
N PRO A 15 0.39 19.16 -0.32
CA PRO A 15 0.86 18.05 0.49
C PRO A 15 2.09 18.41 1.31
N ASP A 16 2.22 17.81 2.50
CA ASP A 16 3.49 17.77 3.26
C ASP A 16 4.67 17.58 2.29
N ALA A 17 5.76 18.33 2.44
CA ALA A 17 6.84 18.29 1.45
C ALA A 17 8.30 18.26 1.97
N ALA A 18 9.15 17.55 1.23
CA ALA A 18 10.60 17.35 1.48
C ALA A 18 11.32 18.69 1.63
N THR A 19 12.17 18.79 2.65
CA THR A 19 13.11 19.90 2.81
C THR A 19 13.74 20.35 1.49
N CYS A 20 13.52 21.63 1.10
CA CYS A 20 14.18 22.27 -0.09
C CYS A 20 15.69 22.31 0.10
N PRO A 21 16.44 22.37 -1.01
CA PRO A 21 17.85 22.64 -0.87
C PRO A 21 18.16 23.86 0.05
N ALA A 22 17.34 24.90 -0.03
CA ALA A 22 17.55 26.14 0.71
C ALA A 22 17.58 25.97 2.23
N CYS A 23 16.53 25.35 2.80
CA CYS A 23 16.52 25.03 4.23
C CYS A 23 17.70 24.13 4.63
N LEU A 24 18.05 23.17 3.77
CA LEU A 24 19.23 22.33 4.00
C LEU A 24 20.48 23.21 4.19
N ALA A 25 20.61 24.25 3.36
CA ALA A 25 21.83 25.10 3.33
C ALA A 25 22.00 25.96 4.57
N GLU A 26 20.89 26.27 5.22
CA GLU A 26 20.81 27.18 6.38
C GLU A 26 21.11 26.41 7.68
N MET A 27 20.47 25.26 7.81
CA MET A 27 20.76 24.28 8.85
C MET A 27 22.24 23.82 8.84
N ASN A 28 22.82 23.78 7.64
CA ASN A 28 24.21 23.41 7.44
C ASN A 28 25.26 24.49 7.74
N THR A 29 24.91 25.77 7.58
CA THR A 29 25.90 26.85 7.72
C THR A 29 26.10 27.30 9.19
N PRO A 30 27.33 27.12 9.72
CA PRO A 30 27.80 27.56 11.04
C PRO A 30 27.41 29.01 11.38
N GLY A 31 26.94 29.20 12.62
CA GLY A 31 26.68 30.54 13.17
C GLY A 31 25.35 31.10 12.75
N GLU A 32 24.63 30.34 11.94
CA GLU A 32 23.28 30.69 11.55
C GLU A 32 22.33 30.38 12.72
N ARG A 33 21.30 31.21 12.90
CA ARG A 33 20.37 31.09 14.04
C ARG A 33 19.73 29.67 14.07
N ARG A 34 19.48 29.11 12.89
CA ARG A 34 18.90 27.76 12.76
C ARG A 34 19.91 26.69 12.27
N TYR A 35 21.21 26.98 12.45
CA TYR A 35 22.28 26.00 12.20
C TYR A 35 21.99 24.76 13.02
N ARG A 36 21.80 23.63 12.34
CA ARG A 36 21.54 22.33 12.96
C ARG A 36 20.19 22.27 13.72
N TYR A 37 19.33 23.25 13.44
CA TYR A 37 17.95 23.22 13.91
C TYR A 37 17.16 22.21 13.03
N PRO A 38 16.61 21.16 13.68
CA PRO A 38 15.88 19.99 13.14
C PRO A 38 14.40 20.23 12.84
N PHE A 39 13.93 21.45 13.06
CA PHE A 39 12.55 21.78 12.76
C PHE A 39 12.50 22.95 11.78
N ILE A 40 13.61 23.24 11.12
CA ILE A 40 13.63 24.27 10.08
C ILE A 40 12.60 23.99 9.00
N ASN A 41 11.77 24.97 8.68
CA ASN A 41 10.93 24.87 7.48
C ASN A 41 10.79 26.24 6.86
N CYS A 42 10.00 26.30 5.80
CA CYS A 42 9.80 27.54 5.08
C CYS A 42 8.51 27.45 4.22
N THR A 43 8.33 28.46 3.38
CA THR A 43 7.16 28.63 2.52
C THR A 43 7.22 27.63 1.37
N HIS A 44 8.38 27.03 1.18
CA HIS A 44 8.56 26.09 0.08
C HIS A 44 8.75 24.59 0.43
N CYS A 45 8.64 24.22 1.71
CA CYS A 45 8.79 22.82 2.20
C CYS A 45 8.34 22.72 3.65
N GLY A 46 8.24 21.50 4.16
CA GLY A 46 7.89 21.35 5.57
C GLY A 46 6.55 20.72 5.80
N PRO A 47 6.20 20.44 7.06
CA PRO A 47 4.92 19.79 7.30
C PRO A 47 3.74 20.74 6.99
N ARG A 48 2.83 20.30 6.12
CA ARG A 48 1.60 21.04 5.74
C ARG A 48 0.37 20.42 6.41
N PHE A 49 -0.23 19.44 5.73
CA PHE A 49 -1.39 18.69 6.24
C PHE A 49 -1.25 18.14 7.68
N THR A 50 -0.06 17.68 8.09
CA THR A 50 0.18 17.05 9.44
C THR A 50 0.16 17.98 10.69
N ILE A 51 0.13 19.26 10.46
CA ILE A 51 0.25 20.18 11.60
C ILE A 51 -1.00 21.02 11.83
N ILE A 52 -2.09 20.72 11.08
CA ILE A 52 -3.33 21.51 11.17
C ILE A 52 -4.41 20.88 12.05
N ARG A 53 -4.88 21.65 13.04
CA ARG A 53 -5.97 21.25 13.90
C ARG A 53 -7.31 21.69 13.26
N ALA A 54 -7.31 22.83 12.57
CA ALA A 54 -8.50 23.37 11.90
C ALA A 54 -8.17 24.36 10.78
N MET A 55 -9.21 24.73 10.02
CA MET A 55 -9.16 25.74 8.96
C MET A 55 -9.44 27.19 9.43
N PRO A 56 -8.71 28.19 8.89
CA PRO A 56 -7.73 28.06 7.80
C PRO A 56 -6.29 27.77 8.25
N TYR A 57 -5.36 27.80 7.29
CA TYR A 57 -3.93 27.55 7.51
C TYR A 57 -3.21 28.80 8.06
N ASP A 58 -3.44 29.08 9.35
CA ASP A 58 -2.76 30.16 10.10
C ASP A 58 -2.37 29.66 11.50
N ARG A 59 -1.20 30.10 11.97
CA ARG A 59 -0.55 29.68 13.25
C ARG A 59 -1.37 29.42 14.55
N PRO A 60 -2.42 30.23 14.86
CA PRO A 60 -3.27 29.76 15.99
C PRO A 60 -4.04 28.42 15.78
N PHE A 61 -4.21 27.96 14.53
CA PHE A 61 -4.97 26.74 14.21
C PHE A 61 -4.03 25.66 13.62
N THR A 62 -2.74 25.90 13.85
CA THR A 62 -1.71 24.88 13.71
C THR A 62 -1.20 24.52 15.10
N VAL A 63 -0.48 23.39 15.16
CA VAL A 63 0.23 22.91 16.33
C VAL A 63 1.28 23.93 16.86
N MET A 64 1.64 24.91 16.04
CA MET A 64 2.59 25.96 16.44
C MET A 64 1.96 27.07 17.32
N ALA A 65 0.80 26.80 17.92
CA ALA A 65 0.19 27.72 18.89
C ALA A 65 0.82 27.61 20.30
N ALA A 66 1.40 26.45 20.59
CA ALA A 66 2.26 26.25 21.78
C ALA A 66 3.61 27.00 21.70
N PHE A 67 3.89 27.65 20.57
CA PHE A 67 5.14 28.39 20.34
C PHE A 67 4.89 29.75 19.66
N PRO A 68 4.72 30.83 20.47
CA PRO A 68 4.76 32.16 19.86
C PRO A 68 6.16 32.49 19.34
N LEU A 69 6.24 33.34 18.32
CA LEU A 69 7.51 33.62 17.62
C LEU A 69 8.35 34.73 18.27
N CYS A 70 9.62 34.43 18.55
CA CYS A 70 10.51 35.41 19.19
C CYS A 70 10.85 36.57 18.23
N PRO A 71 11.30 37.72 18.79
CA PRO A 71 11.68 38.92 18.00
C PRO A 71 12.37 38.67 16.64
N ALA A 72 13.30 37.71 16.58
CA ALA A 72 14.06 37.42 15.35
C ALA A 72 13.31 36.56 14.31
N CYS A 73 12.26 35.85 14.75
CA CYS A 73 11.33 35.23 13.82
C CYS A 73 10.05 36.08 13.73
N ASP A 74 10.26 37.38 13.54
CA ASP A 74 9.16 38.32 13.31
C ASP A 74 9.41 39.19 12.08
N LYS A 75 10.68 39.35 11.71
CA LYS A 75 10.98 40.03 10.46
C LYS A 75 10.99 39.01 9.31
N GLU A 76 10.91 37.73 9.66
CA GLU A 76 11.03 36.69 8.67
C GLU A 76 9.64 36.29 8.14
N TYR A 77 8.78 35.86 9.07
CA TYR A 77 7.35 35.58 8.84
C TYR A 77 6.56 36.82 8.28
N ARG A 78 6.80 38.00 8.87
CA ARG A 78 6.20 39.28 8.41
C ARG A 78 6.79 39.82 7.11
N ASP A 79 7.93 39.25 6.70
CA ASP A 79 8.72 39.77 5.58
C ASP A 79 8.21 39.25 4.24
N PRO A 80 7.87 40.18 3.32
CA PRO A 80 7.46 39.84 1.96
C PRO A 80 8.61 39.32 1.08
N LEU A 81 9.84 39.73 1.39
CA LEU A 81 11.01 39.31 0.61
C LEU A 81 11.52 37.89 0.98
N ASP A 82 11.18 37.45 2.19
CA ASP A 82 11.73 36.23 2.79
C ASP A 82 11.03 34.95 2.29
N ARG A 83 11.80 33.89 2.07
CA ARG A 83 11.22 32.60 1.69
C ARG A 83 10.50 31.96 2.90
N ARG A 84 10.27 32.76 3.95
CA ARG A 84 9.50 32.36 5.15
C ARG A 84 8.26 33.25 5.40
N PHE A 85 7.81 33.98 4.37
CA PHE A 85 6.55 34.73 4.46
C PHE A 85 5.37 33.76 4.53
N HIS A 86 4.67 33.78 5.67
CA HIS A 86 3.57 32.85 5.99
C HIS A 86 3.92 31.33 5.87
N ALA A 87 5.09 30.98 6.40
CA ALA A 87 5.37 29.64 6.87
C ALA A 87 4.81 29.55 8.29
N GLN A 88 3.61 28.99 8.43
CA GLN A 88 2.92 28.87 9.72
C GLN A 88 3.71 28.11 10.85
N PRO A 89 4.55 27.11 10.47
CA PRO A 89 5.36 26.34 11.43
C PRO A 89 6.78 26.82 11.71
N VAL A 90 7.29 27.79 10.94
CA VAL A 90 8.69 28.27 11.05
C VAL A 90 9.08 28.81 12.43
N ALA A 91 10.15 28.23 12.98
CA ALA A 91 10.70 28.68 14.26
C ALA A 91 12.21 28.42 14.36
N CYS A 92 12.88 29.11 15.30
CA CYS A 92 14.31 28.90 15.58
C CYS A 92 14.52 28.07 16.89
N PRO A 93 15.79 27.75 17.25
CA PRO A 93 16.03 27.05 18.54
C PRO A 93 15.68 27.89 19.78
N GLU A 94 15.63 29.21 19.62
CA GLU A 94 15.25 30.10 20.72
C GLU A 94 13.76 29.95 21.11
N CYS A 95 12.88 29.80 20.12
CA CYS A 95 11.46 29.84 20.44
C CYS A 95 10.73 28.51 20.21
N GLY A 96 11.38 27.58 19.50
CA GLY A 96 10.65 26.45 18.92
C GLY A 96 10.61 25.13 19.68
N PRO A 97 10.22 24.02 18.97
CA PRO A 97 10.38 22.69 19.54
C PRO A 97 11.84 22.37 19.62
N TYR A 98 12.18 21.47 20.53
CA TYR A 98 13.56 21.07 20.72
C TYR A 98 13.55 19.55 20.91
N LEU A 99 14.63 18.86 20.53
CA LEU A 99 14.64 17.40 20.59
C LEU A 99 14.80 16.95 22.02
N GLU A 100 14.37 15.72 22.32
CA GLU A 100 14.39 15.21 23.68
C GLU A 100 14.75 13.73 23.61
N TRP A 101 15.83 13.33 24.30
CA TRP A 101 16.24 11.94 24.27
C TRP A 101 15.75 11.26 25.51
N VAL A 102 15.25 10.04 25.37
CA VAL A 102 14.79 9.29 26.52
C VAL A 102 15.30 7.87 26.46
N SER A 103 16.00 7.46 27.53
CA SER A 103 16.47 6.08 27.61
C SER A 103 16.42 5.40 29.00
N HIS A 104 16.50 4.07 28.98
CA HIS A 104 16.42 3.25 30.19
C HIS A 104 17.46 3.85 31.09
N GLY A 105 16.99 4.57 32.10
CA GLY A 105 17.86 5.40 32.93
C GLY A 105 18.85 6.30 32.20
N GLU A 106 18.41 6.98 31.14
CA GLU A 106 19.08 8.18 30.61
C GLU A 106 18.04 9.24 30.22
N HIS A 107 18.51 10.44 29.93
CA HIS A 107 17.66 11.55 29.50
C HIS A 107 18.63 12.58 28.93
N ALA A 108 18.14 13.47 28.08
CA ALA A 108 18.93 14.53 27.46
C ALA A 108 18.03 15.35 26.56
N GLU A 109 18.60 16.33 25.89
CA GLU A 109 17.83 17.32 25.14
C GLU A 109 18.71 18.01 24.10
N GLN A 110 18.08 18.56 23.06
CA GLN A 110 18.74 19.33 22.01
C GLN A 110 19.90 18.61 21.30
N GLU A 111 21.01 19.30 21.09
CA GLU A 111 22.19 18.71 20.45
C GLU A 111 22.66 17.45 21.18
N ALA A 112 22.55 17.48 22.51
CA ALA A 112 22.91 16.34 23.34
C ALA A 112 22.02 15.12 23.03
N ALA A 113 20.75 15.39 22.66
CA ALA A 113 19.76 14.35 22.34
C ALA A 113 20.01 13.76 20.95
N LEU A 114 20.35 14.62 19.98
CA LEU A 114 20.63 14.16 18.64
C LEU A 114 21.86 13.25 18.62
N GLN A 115 22.90 13.65 19.38
CA GLN A 115 24.13 12.86 19.53
C GLN A 115 23.89 11.57 20.31
N ALA A 116 22.96 11.61 21.27
CA ALA A 116 22.59 10.40 22.04
C ALA A 116 22.07 9.28 21.13
N ALA A 117 21.19 9.67 20.20
CA ALA A 117 20.57 8.78 19.23
C ALA A 117 21.58 8.27 18.20
N ILE A 118 22.31 9.19 17.55
CA ILE A 118 23.45 8.84 16.69
C ILE A 118 24.37 7.78 17.32
N ALA A 119 24.74 7.98 18.58
CA ALA A 119 25.59 7.01 19.26
C ALA A 119 24.89 5.68 19.47
N GLN A 120 23.60 5.71 19.79
CA GLN A 120 22.84 4.49 19.94
C GLN A 120 22.70 3.74 18.59
N LEU A 121 22.49 4.47 17.51
CA LEU A 121 22.37 3.88 16.20
C LEU A 121 23.69 3.25 15.76
N LYS A 122 24.77 3.99 15.97
CA LYS A 122 26.14 3.54 15.69
C LYS A 122 26.48 2.26 16.47
N MET A 123 26.11 2.19 17.74
CA MET A 123 26.41 0.97 18.50
C MET A 123 25.51 -0.22 18.12
N GLY A 124 24.55 0.01 17.21
CA GLY A 124 23.67 -1.04 16.68
C GLY A 124 22.34 -1.18 17.43
N ASN A 125 21.78 -0.08 17.87
CA ASN A 125 20.55 -0.15 18.64
C ASN A 125 19.36 0.38 17.87
N ILE A 126 18.16 0.10 18.39
CA ILE A 126 16.94 0.55 17.75
C ILE A 126 16.50 1.84 18.40
N VAL A 127 16.36 2.90 17.62
CA VAL A 127 15.80 4.09 18.18
C VAL A 127 14.51 4.52 17.49
N ALA A 128 13.62 5.08 18.29
CA ALA A 128 12.37 5.66 17.80
C ALA A 128 12.60 7.13 17.44
N ILE A 129 12.29 7.52 16.21
CA ILE A 129 12.54 8.89 15.79
C ILE A 129 11.25 9.56 15.29
N LYS A 130 10.95 10.72 15.83
CA LYS A 130 9.72 11.40 15.47
C LYS A 130 9.80 12.02 14.07
N GLY A 131 8.97 11.55 13.15
CA GLY A 131 8.92 12.14 11.83
C GLY A 131 7.73 13.05 11.64
N ILE A 132 7.48 13.39 10.38
CA ILE A 132 6.38 14.26 9.98
C ILE A 132 4.99 13.62 10.27
N GLY A 133 4.83 12.33 9.95
CA GLY A 133 3.53 11.69 9.94
C GLY A 133 3.28 10.64 10.99
N GLY A 134 4.23 10.57 11.93
CA GLY A 134 4.27 9.51 12.91
C GLY A 134 5.70 9.30 13.39
N PHE A 135 5.93 8.17 14.03
CA PHE A 135 7.25 7.80 14.48
C PHE A 135 7.82 6.70 13.62
N HIS A 136 9.16 6.69 13.49
CA HIS A 136 9.87 5.58 12.83
C HIS A 136 10.65 4.78 13.85
N LEU A 137 10.80 3.50 13.58
CA LEU A 137 11.79 2.67 14.27
C LEU A 137 12.98 2.54 13.34
N ALA A 138 14.17 2.85 13.83
CA ALA A 138 15.37 2.76 12.99
C ALA A 138 16.50 1.97 13.61
N CYS A 139 17.25 1.27 12.76
CA CYS A 139 18.56 0.76 13.07
C CYS A 139 19.49 0.73 11.84
N ASP A 140 20.72 0.26 12.06
CA ASP A 140 21.72 0.15 11.00
C ASP A 140 21.28 -1.01 10.08
N ALA A 141 21.05 -0.70 8.79
CA ALA A 141 20.52 -1.71 7.87
C ALA A 141 21.57 -2.74 7.40
N ARG A 142 22.85 -2.48 7.69
CA ARG A 142 23.98 -3.43 7.44
C ARG A 142 24.11 -4.47 8.54
N ASN A 143 23.63 -4.11 9.72
CA ASN A 143 23.83 -4.86 10.99
C ASN A 143 22.77 -5.92 11.17
N SER A 144 23.15 -7.16 10.87
CA SER A 144 22.26 -8.34 11.00
C SER A 144 21.62 -8.48 12.36
N ASN A 145 22.45 -8.47 13.42
CA ASN A 145 21.90 -8.58 14.78
C ASN A 145 20.79 -7.57 15.07
N ALA A 146 20.98 -6.35 14.60
CA ALA A 146 20.05 -5.31 14.87
C ALA A 146 18.75 -5.45 14.07
N VAL A 147 18.83 -6.00 12.88
CA VAL A 147 17.64 -6.15 12.07
C VAL A 147 16.76 -7.28 12.61
N ALA A 148 17.38 -8.38 12.95
CA ALA A 148 16.74 -9.60 13.50
C ALA A 148 15.99 -9.33 14.78
N THR A 149 16.64 -8.52 15.61
CA THR A 149 16.07 -7.93 16.82
C THR A 149 14.93 -6.95 16.59
N LEU A 150 15.01 -6.09 15.56
CA LEU A 150 13.89 -5.20 15.30
C LEU A 150 12.66 -6.01 14.82
N ARG A 151 12.92 -6.99 13.93
CA ARG A 151 11.91 -7.94 13.48
C ARG A 151 11.20 -8.66 14.65
N ALA A 152 11.99 -9.19 15.56
CA ALA A 152 11.49 -9.80 16.81
C ALA A 152 10.56 -8.85 17.57
N ARG A 153 11.03 -7.64 17.80
CA ARG A 153 10.35 -6.75 18.73
C ARG A 153 9.08 -6.22 18.11
N LYS A 154 9.16 -5.82 16.84
CA LYS A 154 8.01 -5.35 16.13
C LYS A 154 7.06 -6.51 15.76
N HIS A 155 7.49 -7.76 16.03
CA HIS A 155 6.78 -9.02 15.70
C HIS A 155 6.89 -9.44 14.18
N ARG A 156 7.41 -8.53 13.33
CA ARG A 156 7.47 -8.64 11.83
C ARG A 156 8.51 -9.65 11.30
N PRO A 157 8.16 -10.96 11.18
CA PRO A 157 9.28 -11.89 10.85
C PRO A 157 9.79 -11.87 9.38
N ALA A 158 8.97 -11.45 8.44
CA ALA A 158 9.41 -11.51 7.04
C ALA A 158 9.08 -10.25 6.22
N LYS A 159 8.06 -9.50 6.56
CA LYS A 159 7.66 -8.40 5.69
C LYS A 159 8.83 -7.42 5.44
N PRO A 160 9.05 -7.01 4.18
CA PRO A 160 10.29 -6.28 3.86
C PRO A 160 10.36 -4.93 4.53
N LEU A 161 11.54 -4.57 5.03
CA LEU A 161 11.78 -3.25 5.66
C LEU A 161 12.25 -2.22 4.64
N ALA A 162 11.66 -1.03 4.67
CA ALA A 162 12.22 0.06 3.89
C ALA A 162 13.52 0.59 4.57
N VAL A 163 14.38 1.22 3.79
CA VAL A 163 15.72 1.59 4.21
C VAL A 163 15.99 3.02 3.73
N MET A 164 16.51 3.89 4.62
CA MET A 164 16.79 5.26 4.17
C MET A 164 18.28 5.32 3.83
N LEU A 165 18.63 5.89 2.69
CA LEU A 165 20.04 6.00 2.21
C LEU A 165 20.51 7.46 2.38
N PRO A 166 21.82 7.70 2.58
CA PRO A 166 22.33 9.08 2.61
C PRO A 166 22.17 9.82 1.29
N VAL A 167 22.39 9.13 0.15
CA VAL A 167 22.29 9.74 -1.18
C VAL A 167 21.74 8.68 -2.16
N ALA A 168 21.35 9.10 -3.36
CA ALA A 168 20.87 8.20 -4.40
C ALA A 168 21.90 7.67 -5.43
N ASP A 169 23.19 7.91 -5.16
CA ASP A 169 24.30 7.45 -6.01
C ASP A 169 24.22 5.94 -6.24
N GLY A 170 24.46 5.56 -7.50
CA GLY A 170 24.41 4.18 -7.97
C GLY A 170 23.05 3.60 -8.30
N LEU A 171 21.99 4.34 -8.09
CA LEU A 171 20.63 3.89 -8.47
C LEU A 171 20.29 4.32 -9.87
N PRO A 172 19.38 3.58 -10.58
CA PRO A 172 18.95 3.99 -11.92
C PRO A 172 18.35 5.41 -11.92
N ASP A 173 18.46 6.10 -13.05
CA ASP A 173 17.98 7.48 -13.23
C ASP A 173 16.51 7.66 -12.81
N ALA A 174 15.67 6.77 -13.32
CA ALA A 174 14.24 6.72 -12.96
C ALA A 174 14.01 6.70 -11.46
N ALA A 175 14.78 5.92 -10.71
CA ALA A 175 14.60 5.93 -9.26
C ALA A 175 15.11 7.23 -8.61
N ARG A 176 16.25 7.76 -9.05
CA ARG A 176 16.85 8.97 -8.46
C ARG A 176 15.90 10.12 -8.64
N GLN A 177 15.26 10.15 -9.80
CA GLN A 177 14.23 11.13 -10.15
C GLN A 177 13.05 11.06 -9.14
N LEU A 178 12.48 9.87 -8.86
CA LEU A 178 11.34 9.75 -7.95
C LEU A 178 11.73 10.03 -6.53
N LEU A 179 12.89 9.48 -6.15
CA LEU A 179 13.39 9.62 -4.80
C LEU A 179 13.52 11.07 -4.38
N THR A 180 13.84 11.92 -5.33
CA THR A 180 14.12 13.33 -5.03
C THR A 180 12.98 14.32 -5.28
N THR A 181 11.74 13.84 -5.35
CA THR A 181 10.63 14.74 -5.62
C THR A 181 10.21 15.30 -4.27
N PRO A 182 9.45 16.43 -4.26
CA PRO A 182 8.97 16.89 -2.96
C PRO A 182 8.19 15.82 -2.19
N ALA A 183 7.58 14.86 -2.89
CA ALA A 183 6.84 13.79 -2.21
C ALA A 183 7.81 12.85 -1.45
N ALA A 184 9.02 12.67 -1.97
CA ALA A 184 10.07 11.85 -1.31
C ALA A 184 9.54 10.45 -0.89
N PRO A 185 8.97 9.73 -1.84
CA PRO A 185 8.46 8.43 -1.46
C PRO A 185 9.58 7.36 -1.23
N ILE A 186 9.17 6.24 -0.62
CA ILE A 186 9.91 4.97 -0.74
C ILE A 186 9.80 4.49 -2.18
N VAL A 187 10.92 4.18 -2.84
CA VAL A 187 10.90 3.68 -4.20
C VAL A 187 11.47 2.28 -4.23
N LEU A 188 10.75 1.35 -4.83
CA LEU A 188 11.23 -0.02 -4.91
C LEU A 188 12.18 -0.21 -6.09
N VAL A 189 13.33 -0.79 -5.81
CA VAL A 189 14.40 -0.95 -6.78
C VAL A 189 14.97 -2.38 -6.64
N ASP A 190 15.68 -2.85 -7.67
CA ASP A 190 16.25 -4.19 -7.65
C ASP A 190 17.27 -4.22 -6.50
N LYS A 191 17.22 -5.29 -5.71
CA LYS A 191 18.04 -5.32 -4.55
C LYS A 191 19.55 -5.46 -4.97
N LYS A 192 19.82 -5.76 -6.23
CA LYS A 192 21.22 -5.89 -6.63
C LYS A 192 21.91 -4.54 -6.48
N TYR A 193 21.14 -3.43 -6.43
CA TYR A 193 21.79 -2.12 -6.48
C TYR A 193 22.30 -1.72 -5.12
N VAL A 194 21.88 -2.47 -4.08
CA VAL A 194 22.18 -2.09 -2.71
C VAL A 194 22.83 -3.21 -1.87
N PRO A 195 24.05 -3.65 -2.27
CA PRO A 195 24.73 -4.78 -1.67
C PRO A 195 25.03 -4.65 -0.21
N GLU A 196 25.12 -3.43 0.32
CA GLU A 196 25.43 -3.24 1.74
C GLU A 196 24.34 -3.68 2.73
N LEU A 197 23.09 -3.84 2.23
CA LEU A 197 21.96 -4.27 3.10
C LEU A 197 22.13 -5.70 3.60
N CYS A 198 21.82 -6.00 4.87
CA CYS A 198 21.89 -7.41 5.29
C CYS A 198 20.74 -8.15 4.62
N ASP A 199 20.82 -9.48 4.55
CA ASP A 199 19.84 -10.30 3.86
C ASP A 199 18.46 -10.34 4.54
N ASP A 200 18.38 -9.92 5.80
CA ASP A 200 17.10 -9.82 6.53
C ASP A 200 16.26 -8.59 6.23
N ILE A 201 16.66 -7.79 5.25
CA ILE A 201 15.87 -6.60 4.93
C ILE A 201 14.60 -6.91 4.14
N ALA A 202 14.77 -7.70 3.08
CA ALA A 202 13.69 -8.14 2.19
C ALA A 202 13.92 -9.60 1.81
N PRO A 203 13.86 -10.49 2.78
CA PRO A 203 14.21 -11.88 2.50
C PRO A 203 13.18 -12.49 1.56
N GLY A 204 13.65 -13.31 0.63
CA GLY A 204 12.82 -13.97 -0.38
C GLY A 204 12.40 -13.07 -1.54
N LEU A 205 12.79 -11.78 -1.55
CA LEU A 205 12.29 -10.90 -2.59
C LEU A 205 13.42 -10.33 -3.50
N ASN A 206 13.09 -9.81 -4.67
CA ASN A 206 14.12 -9.23 -5.57
C ASN A 206 14.22 -7.71 -5.48
N GLU A 207 13.31 -7.09 -4.75
CA GLU A 207 13.27 -5.63 -4.65
C GLU A 207 13.47 -5.23 -3.22
N VAL A 208 14.13 -4.09 -3.03
CA VAL A 208 14.24 -3.40 -1.75
C VAL A 208 13.58 -1.95 -1.88
N GLY A 209 12.82 -1.51 -0.90
CA GLY A 209 12.23 -0.13 -0.90
C GLY A 209 13.24 0.81 -0.26
N VAL A 210 13.71 1.80 -0.99
CA VAL A 210 14.64 2.77 -0.41
C VAL A 210 14.02 4.16 -0.45
N MET A 211 14.52 5.04 0.41
CA MET A 211 14.07 6.41 0.48
C MET A 211 15.27 7.30 0.81
N LEU A 212 15.10 8.59 0.54
CA LEU A 212 16.02 9.62 1.00
C LEU A 212 15.49 10.42 2.20
N PRO A 213 16.42 11.00 3.00
CA PRO A 213 16.05 11.91 4.08
C PRO A 213 15.18 13.04 3.49
N ALA A 214 14.05 13.29 4.13
CA ALA A 214 13.13 14.25 3.60
C ALA A 214 12.76 15.29 4.64
N ASN A 215 13.16 15.11 5.90
CA ASN A 215 12.84 16.07 6.99
C ASN A 215 14.11 16.39 7.77
N PRO A 216 14.24 17.63 8.31
CA PRO A 216 15.56 18.14 8.69
C PRO A 216 16.31 17.30 9.69
N LEU A 217 15.58 16.64 10.58
CA LEU A 217 16.17 15.67 11.50
C LEU A 217 16.77 14.50 10.72
N GLN A 218 16.05 13.96 9.74
CA GLN A 218 16.57 12.84 8.94
C GLN A 218 17.86 13.24 8.24
N HIS A 219 17.89 14.50 7.78
CA HIS A 219 19.09 14.99 7.08
C HIS A 219 20.26 15.03 8.06
N LEU A 220 20.03 15.55 9.27
CA LEU A 220 21.08 15.51 10.32
C LEU A 220 21.57 14.08 10.57
N LEU A 221 20.70 13.21 11.05
CA LEU A 221 21.03 11.80 11.29
C LEU A 221 21.91 11.15 10.21
N LEU A 222 21.46 11.24 8.96
CA LEU A 222 22.17 10.59 7.82
C LEU A 222 23.51 11.20 7.40
N GLN A 223 23.63 12.52 7.55
CA GLN A 223 24.90 13.22 7.35
C GLN A 223 26.01 12.71 8.28
N GLU A 224 25.66 12.36 9.53
CA GLU A 224 26.66 11.92 10.53
C GLU A 224 26.80 10.38 10.56
N LEU A 225 25.72 9.69 10.17
CA LEU A 225 25.72 8.23 10.09
C LEU A 225 26.27 7.65 8.78
N GLN A 226 26.06 8.33 7.65
CA GLN A 226 26.62 7.92 6.35
C GLN A 226 26.49 6.41 6.05
N CYS A 227 25.35 5.82 6.44
CA CYS A 227 25.05 4.41 6.17
C CYS A 227 23.55 4.28 6.01
N PRO A 228 23.08 3.18 5.44
CA PRO A 228 21.65 2.92 5.30
C PRO A 228 21.01 2.57 6.64
N LEU A 229 19.78 3.05 6.85
CA LEU A 229 19.04 2.74 8.09
C LEU A 229 17.70 2.17 7.76
N VAL A 230 17.31 1.10 8.44
CA VAL A 230 15.92 0.74 8.48
C VAL A 230 15.11 1.93 9.02
N MET A 231 14.01 2.20 8.36
CA MET A 231 13.04 3.19 8.73
C MET A 231 11.67 2.54 8.56
N THR A 232 11.15 2.00 9.66
CA THR A 232 9.80 1.46 9.62
C THR A 232 8.91 2.20 10.57
N SER A 233 7.61 1.99 10.37
CA SER A 233 6.56 2.64 11.10
C SER A 233 6.63 2.38 12.58
N GLY A 234 6.28 3.38 13.39
CA GLY A 234 6.37 3.28 14.87
C GLY A 234 5.14 2.69 15.55
N ASN A 235 5.03 1.37 15.48
CA ASN A 235 3.90 0.61 16.04
C ASN A 235 4.16 -0.87 16.02
N LEU A 236 3.43 -1.60 16.86
CA LEU A 236 3.38 -3.05 16.66
C LEU A 236 2.70 -3.34 15.32
N SER A 237 3.14 -4.42 14.68
CA SER A 237 2.50 -4.93 13.45
C SER A 237 0.98 -4.94 13.62
N GLY A 238 0.25 -4.38 12.64
CA GLY A 238 -1.24 -4.39 12.69
C GLY A 238 -1.77 -3.71 13.94
N LYS A 239 -1.17 -2.55 14.24
CA LYS A 239 -1.67 -1.62 15.23
C LYS A 239 -1.34 -0.26 14.63
N PRO A 240 -2.18 0.75 14.89
CA PRO A 240 -1.96 2.05 14.26
C PRO A 240 -0.66 2.74 14.72
N PRO A 241 0.07 3.37 13.80
CA PRO A 241 1.21 4.19 14.19
C PRO A 241 0.90 5.11 15.35
N ALA A 242 1.62 4.94 16.45
CA ALA A 242 1.58 5.95 17.49
C ALA A 242 1.92 7.31 16.84
N ILE A 243 1.21 8.36 17.29
CA ILE A 243 1.31 9.73 16.77
C ILE A 243 1.69 10.70 17.88
N SER A 244 1.26 10.37 19.11
CA SER A 244 1.69 11.07 20.34
C SER A 244 3.02 10.54 20.95
N ASN A 245 3.78 11.47 21.54
CA ASN A 245 4.99 11.09 22.28
C ASN A 245 4.55 10.14 23.35
N GLU A 246 3.45 10.50 24.00
CA GLU A 246 2.87 9.69 25.03
C GLU A 246 2.64 8.26 24.55
N GLN A 247 1.87 8.09 23.48
CA GLN A 247 1.67 6.73 22.93
C GLN A 247 2.90 6.01 22.34
N ALA A 248 3.90 6.75 21.88
CA ALA A 248 5.12 6.07 21.33
C ALA A 248 5.84 5.36 22.48
N LEU A 249 6.09 6.16 23.53
CA LEU A 249 6.71 5.79 24.81
C LEU A 249 5.99 4.64 25.53
N GLU A 250 4.66 4.62 25.46
CA GLU A 250 3.87 3.46 25.90
C GLU A 250 3.92 2.27 24.93
N ASP A 251 3.43 2.45 23.68
CA ASP A 251 3.39 1.35 22.68
C ASP A 251 4.74 0.74 22.33
N LEU A 252 5.81 1.53 22.43
CA LEU A 252 7.11 1.09 21.87
C LEU A 252 8.17 0.72 22.89
N GLN A 253 7.81 0.80 24.18
CA GLN A 253 8.75 0.59 25.29
C GLN A 253 9.59 -0.68 25.17
N GLY A 254 8.93 -1.79 24.84
CA GLY A 254 9.62 -3.07 24.62
C GLY A 254 10.31 -3.23 23.27
N ILE A 255 10.20 -2.25 22.38
CA ILE A 255 10.82 -2.33 21.06
C ILE A 255 12.07 -1.45 20.92
N ALA A 256 11.86 -0.14 21.04
CA ALA A 256 12.88 0.87 20.99
C ALA A 256 13.85 0.79 22.19
N ASP A 257 15.15 0.94 21.92
CA ASP A 257 16.16 1.07 22.96
C ASP A 257 16.28 2.52 23.44
N GLY A 258 15.58 3.43 22.76
CA GLY A 258 15.73 4.85 23.00
C GLY A 258 14.74 5.70 22.22
N PHE A 259 14.42 6.86 22.75
CA PHE A 259 13.49 7.75 22.06
C PHE A 259 14.09 9.11 21.73
N LEU A 260 14.12 9.41 20.44
CA LEU A 260 14.40 10.75 19.97
C LEU A 260 13.11 11.46 19.56
N ILE A 261 12.48 12.10 20.55
CA ILE A 261 11.20 12.75 20.39
C ILE A 261 11.30 14.26 20.29
N HIS A 262 10.15 14.92 20.34
CA HIS A 262 10.07 16.38 20.34
C HIS A 262 8.68 16.88 20.79
N ASN A 263 8.60 18.12 21.34
CA ASN A 263 7.32 18.71 21.79
C ASN A 263 6.44 19.38 20.72
N ARG A 264 6.74 19.17 19.44
CA ARG A 264 5.79 19.57 18.38
C ARG A 264 4.75 18.44 18.18
N ASP A 265 3.47 18.72 18.40
CA ASP A 265 2.41 17.73 18.13
C ASP A 265 2.32 17.34 16.63
N ILE A 266 1.95 16.09 16.41
CA ILE A 266 1.54 15.60 15.11
C ILE A 266 0.03 15.48 15.20
N VAL A 267 -0.65 16.01 14.20
CA VAL A 267 -2.11 16.01 14.27
C VAL A 267 -2.81 15.04 13.31
N GLN A 268 -2.08 14.55 12.30
CA GLN A 268 -2.63 13.58 11.37
C GLN A 268 -1.61 12.50 11.17
N ARG A 269 -2.07 11.27 11.22
CA ARG A 269 -1.22 10.17 10.81
C ARG A 269 -0.95 10.26 9.29
N MET A 270 0.33 10.20 8.91
CA MET A 270 0.71 10.27 7.50
C MET A 270 1.91 9.37 7.20
N ASP A 271 1.64 8.14 6.77
CA ASP A 271 2.68 7.16 6.41
C ASP A 271 3.52 7.57 5.18
N ASP A 272 4.76 7.06 5.06
CA ASP A 272 5.51 7.14 3.79
C ASP A 272 4.72 6.57 2.62
N SER A 273 4.75 7.28 1.49
CA SER A 273 4.25 6.71 0.21
C SER A 273 5.19 5.65 -0.37
N VAL A 274 4.67 4.71 -1.16
CA VAL A 274 5.52 3.67 -1.78
C VAL A 274 5.17 3.60 -3.27
N VAL A 275 6.18 3.77 -4.13
CA VAL A 275 6.02 3.68 -5.59
C VAL A 275 7.08 2.70 -6.13
N ARG A 276 6.82 2.13 -7.30
CA ARG A 276 7.91 1.47 -8.04
C ARG A 276 8.73 2.40 -8.90
N GLU A 277 9.95 1.95 -9.21
CA GLU A 277 10.84 2.76 -9.96
C GLU A 277 10.15 3.08 -11.30
N SER A 278 9.28 2.16 -11.71
CA SER A 278 8.45 2.30 -12.91
C SER A 278 7.45 3.49 -12.80
N GLY A 279 7.15 3.97 -11.60
CA GLY A 279 6.20 5.09 -11.46
C GLY A 279 4.87 4.60 -10.87
N GLU A 280 4.69 3.28 -10.80
CA GLU A 280 3.43 2.67 -10.34
C GLU A 280 3.21 2.94 -8.86
N MET A 281 2.00 3.39 -8.54
CA MET A 281 1.73 3.83 -7.16
C MET A 281 1.35 2.57 -6.36
N LEU A 282 1.96 2.35 -5.18
CA LEU A 282 1.59 1.22 -4.35
C LEU A 282 0.91 1.66 -3.10
N ARG A 283 1.45 2.71 -2.45
CA ARG A 283 0.79 3.27 -1.27
C ARG A 283 0.85 4.79 -1.33
N ARG A 284 -0.34 5.39 -1.22
CA ARG A 284 -0.45 6.80 -1.52
C ARG A 284 -0.78 7.56 -0.23
N SER A 285 0.22 8.24 0.33
CA SER A 285 0.04 9.00 1.54
C SER A 285 0.89 10.26 1.49
N ARG A 286 1.90 10.34 2.38
CA ARG A 286 2.76 11.52 2.49
C ARG A 286 3.22 11.97 1.10
N GLY A 287 3.02 13.25 0.78
CA GLY A 287 3.57 13.82 -0.43
C GLY A 287 2.55 13.94 -1.53
N TYR A 288 1.45 13.17 -1.41
CA TYR A 288 0.35 13.20 -2.38
C TYR A 288 -0.96 13.67 -1.79
N VAL A 289 -1.22 13.31 -0.55
CA VAL A 289 -2.41 13.77 0.13
C VAL A 289 -2.10 15.15 0.72
N PRO A 290 -3.01 16.15 0.56
CA PRO A 290 -4.42 15.99 0.18
C PRO A 290 -4.86 16.51 -1.17
N ASP A 291 -4.02 16.47 -2.18
CA ASP A 291 -4.42 16.76 -3.54
C ASP A 291 -5.69 16.11 -4.14
N ALA A 292 -6.57 16.94 -4.66
CA ALA A 292 -7.73 16.48 -5.39
C ALA A 292 -7.37 15.90 -6.75
N LEU A 293 -8.24 15.09 -7.33
CA LEU A 293 -8.06 14.64 -8.75
C LEU A 293 -9.31 15.04 -9.56
N ALA A 294 -9.14 15.29 -10.85
CA ALA A 294 -10.28 15.67 -11.67
C ALA A 294 -11.09 14.42 -12.00
N LEU A 295 -12.41 14.46 -11.82
CA LEU A 295 -13.28 13.37 -12.31
C LEU A 295 -13.20 13.27 -13.83
N PRO A 296 -13.53 12.09 -14.41
CA PRO A 296 -13.53 11.94 -15.87
C PRO A 296 -14.52 12.87 -16.61
N PRO A 297 -14.38 13.04 -17.97
CA PRO A 297 -15.29 13.81 -18.81
C PRO A 297 -16.72 13.31 -18.64
N GLY A 298 -17.64 14.27 -18.45
CA GLY A 298 -19.05 13.98 -18.26
C GLY A 298 -19.44 14.02 -16.81
N PHE A 299 -18.48 14.01 -15.90
CA PHE A 299 -18.81 13.99 -14.48
C PHE A 299 -18.83 15.45 -13.98
N LYS A 300 -20.00 15.97 -13.62
CA LYS A 300 -20.08 17.39 -13.24
C LYS A 300 -21.23 17.54 -12.25
N ASN A 301 -21.17 18.54 -11.39
CA ASN A 301 -22.31 18.87 -10.49
C ASN A 301 -22.69 17.68 -9.57
N VAL A 302 -21.71 16.79 -9.26
CA VAL A 302 -21.95 15.63 -8.39
C VAL A 302 -22.18 16.09 -6.95
N PRO A 303 -23.21 15.55 -6.29
CA PRO A 303 -23.45 15.90 -4.88
C PRO A 303 -22.31 15.36 -3.95
N PRO A 304 -22.16 15.89 -2.69
CA PRO A 304 -21.12 15.40 -1.84
C PRO A 304 -21.45 13.94 -1.46
N VAL A 305 -20.54 13.02 -1.80
CA VAL A 305 -20.66 11.62 -1.45
C VAL A 305 -19.41 11.16 -0.71
N LEU A 306 -19.60 10.51 0.44
CA LEU A 306 -18.48 9.90 1.15
C LEU A 306 -18.38 8.42 0.76
N CYS A 307 -17.21 8.01 0.22
CA CYS A 307 -16.95 6.58 -0.13
C CYS A 307 -16.05 5.92 0.89
N LEU A 308 -16.53 4.84 1.49
CA LEU A 308 -15.83 4.32 2.68
C LEU A 308 -14.63 3.44 2.31
N GLY A 309 -14.59 2.90 1.09
CA GLY A 309 -13.41 2.15 0.69
C GLY A 309 -13.43 0.72 1.18
N ALA A 310 -12.24 0.13 1.28
CA ALA A 310 -12.09 -1.25 1.58
C ALA A 310 -11.71 -1.42 3.08
N ASP A 311 -11.92 -2.64 3.60
CA ASP A 311 -11.45 -3.00 4.94
C ASP A 311 -9.91 -3.04 5.16
N LEU A 312 -9.12 -3.42 4.15
CA LEU A 312 -7.68 -3.47 4.33
C LEU A 312 -7.10 -2.36 3.47
N LYS A 313 -5.95 -1.80 3.83
CA LYS A 313 -5.25 -0.82 2.97
C LYS A 313 -6.17 0.40 2.73
N ASN A 314 -7.05 0.62 3.72
CA ASN A 314 -8.18 1.57 3.59
C ASN A 314 -7.75 2.98 3.23
N THR A 315 -8.54 3.61 2.35
CA THR A 315 -8.59 5.04 2.13
C THR A 315 -10.10 5.30 1.94
N PHE A 316 -10.54 6.50 2.33
CA PHE A 316 -11.90 6.91 2.02
C PHE A 316 -11.78 7.95 0.91
N CYS A 317 -12.89 8.22 0.25
CA CYS A 317 -12.82 9.30 -0.71
C CYS A 317 -14.03 10.29 -0.60
N LEU A 318 -13.79 11.57 -0.93
CA LEU A 318 -14.83 12.58 -0.93
C LEU A 318 -14.99 13.07 -2.36
N VAL A 319 -16.21 12.90 -2.89
CA VAL A 319 -16.54 13.21 -4.26
C VAL A 319 -17.56 14.32 -4.22
N ARG A 320 -17.30 15.37 -5.02
CA ARG A 320 -18.20 16.57 -5.09
C ARG A 320 -17.88 17.40 -6.29
N GLY A 321 -18.90 17.80 -7.02
CA GLY A 321 -18.68 18.66 -8.17
C GLY A 321 -18.01 17.91 -9.31
N GLU A 322 -16.78 18.27 -9.61
CA GLU A 322 -16.02 17.68 -10.70
C GLU A 322 -14.69 17.08 -10.19
N GLN A 323 -14.62 16.85 -8.86
CA GLN A 323 -13.35 16.44 -8.24
C GLN A 323 -13.55 15.37 -7.16
N VAL A 324 -12.46 14.67 -6.87
CA VAL A 324 -12.48 13.71 -5.85
C VAL A 324 -11.19 13.89 -5.01
N VAL A 325 -11.28 13.70 -3.68
CA VAL A 325 -10.07 13.69 -2.91
C VAL A 325 -9.99 12.42 -2.06
N LEU A 326 -8.90 11.68 -2.24
CA LEU A 326 -8.58 10.50 -1.44
C LEU A 326 -7.87 10.78 -0.13
N SER A 327 -8.23 10.04 0.91
CA SER A 327 -7.53 10.17 2.14
C SER A 327 -6.14 9.48 2.04
N GLN A 328 -5.35 9.68 3.07
CA GLN A 328 -4.14 8.87 3.29
C GLN A 328 -4.47 7.40 3.51
N HIS A 329 -3.45 6.53 3.32
CA HIS A 329 -3.51 5.11 3.67
C HIS A 329 -3.86 5.02 5.16
N LEU A 330 -4.94 4.36 5.51
CA LEU A 330 -5.26 4.27 6.97
C LEU A 330 -5.02 2.83 7.44
N GLY A 331 -4.90 1.89 6.50
CA GLY A 331 -4.57 0.52 6.88
C GLY A 331 -5.77 -0.34 7.09
N ASP A 332 -5.69 -1.26 8.04
CA ASP A 332 -6.73 -2.28 8.19
C ASP A 332 -7.71 -1.77 9.21
N LEU A 333 -8.99 -1.87 8.90
CA LEU A 333 -10.02 -1.34 9.75
C LEU A 333 -10.49 -2.30 10.88
N SER A 334 -9.98 -3.54 10.89
CA SER A 334 -10.29 -4.51 11.99
C SER A 334 -9.34 -4.35 13.18
N ASP A 335 -8.37 -3.42 13.04
CA ASP A 335 -7.42 -3.03 14.10
C ASP A 335 -8.13 -2.15 15.11
N ASP A 336 -7.53 -2.02 16.28
CA ASP A 336 -8.21 -1.36 17.39
C ASP A 336 -7.52 -0.01 17.55
N GLY A 337 -8.28 1.10 17.41
CA GLY A 337 -7.67 2.42 17.40
C GLY A 337 -7.49 2.96 15.99
N ILE A 338 -7.76 2.13 14.99
CA ILE A 338 -7.73 2.61 13.61
C ILE A 338 -8.96 3.47 13.38
N GLN A 339 -10.12 3.14 13.99
CA GLN A 339 -11.32 4.00 13.79
C GLN A 339 -11.05 5.47 14.28
N THR A 340 -10.34 5.61 15.39
CA THR A 340 -9.95 6.96 15.92
C THR A 340 -9.18 7.77 14.89
N GLN A 341 -8.15 7.16 14.29
CA GLN A 341 -7.35 7.86 13.31
C GLN A 341 -8.17 8.14 12.08
N TRP A 342 -8.99 7.18 11.66
CA TRP A 342 -9.92 7.36 10.53
C TRP A 342 -10.80 8.61 10.72
N ARG A 343 -11.53 8.64 11.84
CA ARG A 343 -12.44 9.73 12.06
C ARG A 343 -11.73 11.09 12.14
N GLU A 344 -10.51 11.13 12.73
CA GLU A 344 -9.75 12.35 12.80
C GLU A 344 -9.33 12.81 11.39
N ALA A 345 -8.92 11.84 10.54
CA ALA A 345 -8.58 12.22 9.16
C ALA A 345 -9.84 12.74 8.40
N LEU A 346 -10.97 12.08 8.57
CA LEU A 346 -12.19 12.55 7.96
C LEU A 346 -12.59 13.97 8.47
N ARG A 347 -12.44 14.20 9.76
CA ARG A 347 -12.77 15.52 10.36
C ARG A 347 -11.94 16.63 9.71
N LEU A 348 -10.63 16.42 9.68
CA LEU A 348 -9.77 17.41 9.07
C LEU A 348 -10.07 17.57 7.54
N MET A 349 -10.22 16.44 6.84
CA MET A 349 -10.51 16.54 5.39
C MET A 349 -11.82 17.26 5.09
N GLN A 350 -12.85 16.97 5.89
CA GLN A 350 -14.14 17.68 5.67
C GLN A 350 -14.03 19.15 5.99
N ASN A 351 -13.15 19.48 6.94
CA ASN A 351 -13.04 20.88 7.36
C ASN A 351 -12.24 21.65 6.27
N ILE A 352 -11.14 21.08 5.80
CA ILE A 352 -10.33 21.66 4.71
C ILE A 352 -11.17 21.90 3.44
N TYR A 353 -12.02 20.96 3.06
CA TYR A 353 -12.83 21.10 1.85
C TYR A 353 -14.25 21.65 2.06
N ASN A 354 -14.61 22.05 3.29
CA ASN A 354 -15.96 22.51 3.63
C ASN A 354 -16.96 21.50 3.10
N PHE A 355 -16.72 20.22 3.43
CA PHE A 355 -17.44 19.08 2.86
C PHE A 355 -18.38 18.47 3.87
N THR A 356 -19.66 18.38 3.50
CA THR A 356 -20.62 17.68 4.29
C THR A 356 -21.30 16.66 3.37
N PRO A 357 -21.15 15.34 3.66
CA PRO A 357 -21.73 14.40 2.74
C PRO A 357 -23.27 14.38 2.79
N GLN A 358 -23.88 14.11 1.65
CA GLN A 358 -25.30 13.81 1.60
C GLN A 358 -25.60 12.35 1.33
N TYR A 359 -24.59 11.60 0.86
CA TYR A 359 -24.71 10.18 0.53
C TYR A 359 -23.45 9.48 1.03
N VAL A 360 -23.58 8.19 1.31
CA VAL A 360 -22.40 7.34 1.63
C VAL A 360 -22.44 6.10 0.71
N VAL A 361 -21.26 5.69 0.26
CA VAL A 361 -21.16 4.48 -0.61
C VAL A 361 -20.24 3.53 0.06
N HIS A 362 -20.58 2.23 0.05
CA HIS A 362 -19.65 1.24 0.73
C HIS A 362 -19.70 -0.11 0.03
N ASP A 363 -18.87 -1.05 0.51
CA ASP A 363 -18.72 -2.34 -0.22
C ASP A 363 -19.98 -3.15 -0.02
N ALA A 364 -20.33 -4.01 -0.98
CA ALA A 364 -21.50 -4.91 -0.83
C ALA A 364 -21.26 -6.03 0.20
N HIS A 365 -20.06 -6.19 0.73
CA HIS A 365 -19.82 -7.24 1.73
C HIS A 365 -20.39 -6.85 3.11
N PRO A 366 -21.41 -7.58 3.61
CA PRO A 366 -22.14 -7.32 4.89
C PRO A 366 -21.31 -7.60 6.14
N GLY A 367 -20.21 -8.32 6.03
CA GLY A 367 -19.36 -8.55 7.20
C GLY A 367 -18.18 -7.61 7.37
N TYR A 368 -18.06 -6.58 6.53
CA TYR A 368 -16.95 -5.63 6.61
C TYR A 368 -17.19 -4.62 7.74
N VAL A 369 -16.09 -4.17 8.36
CA VAL A 369 -16.15 -3.14 9.40
C VAL A 369 -16.76 -1.89 8.77
N SER A 370 -16.28 -1.55 7.56
CA SER A 370 -16.73 -0.36 6.86
C SER A 370 -18.25 -0.32 6.70
N CYS A 371 -18.86 -1.48 6.43
N CYS A 371 -18.86 -1.48 6.40
CA CYS A 371 -20.30 -1.54 6.21
CA CYS A 371 -20.33 -1.56 6.23
C CYS A 371 -21.06 -1.35 7.53
C CYS A 371 -21.00 -1.20 7.56
N GLN A 372 -20.39 -1.67 8.64
CA GLN A 372 -20.91 -1.34 9.95
C GLN A 372 -20.91 0.18 10.21
N TRP A 373 -19.76 0.85 10.01
CA TRP A 373 -19.71 2.30 10.19
C TRP A 373 -20.76 3.07 9.34
N ALA A 374 -20.97 2.68 8.07
CA ALA A 374 -21.98 3.36 7.22
C ALA A 374 -23.38 3.48 7.83
N SER A 375 -23.89 2.40 8.39
CA SER A 375 -25.23 2.41 8.95
C SER A 375 -25.38 3.34 10.20
N GLU A 376 -24.24 3.68 10.82
CA GLU A 376 -24.19 4.63 11.95
C GLU A 376 -24.30 6.10 11.49
N MET A 377 -24.27 6.31 10.18
CA MET A 377 -24.15 7.67 9.67
C MET A 377 -25.43 8.48 9.50
N ASN A 378 -26.60 7.85 9.41
CA ASN A 378 -27.84 8.67 9.16
C ASN A 378 -27.85 9.40 7.81
N LEU A 379 -27.30 8.76 6.78
CA LEU A 379 -27.33 9.30 5.42
C LEU A 379 -27.85 8.16 4.56
N PRO A 380 -28.47 8.46 3.42
CA PRO A 380 -28.81 7.43 2.43
C PRO A 380 -27.50 6.70 2.00
N THR A 381 -27.54 5.36 2.01
CA THR A 381 -26.32 4.54 1.76
C THR A 381 -26.57 3.73 0.52
N GLN A 382 -25.51 3.43 -0.25
CA GLN A 382 -25.67 2.47 -1.35
C GLN A 382 -24.44 1.59 -1.47
N THR A 383 -24.63 0.48 -2.17
CA THR A 383 -23.64 -0.59 -2.22
C THR A 383 -22.96 -0.69 -3.62
N VAL A 384 -21.66 -1.03 -3.69
CA VAL A 384 -20.96 -1.26 -4.98
C VAL A 384 -20.18 -2.58 -4.81
N LEU A 385 -20.26 -3.46 -5.83
CA LEU A 385 -19.46 -4.69 -5.80
C LEU A 385 -17.99 -4.29 -5.77
N HIS A 386 -17.26 -4.96 -4.92
CA HIS A 386 -15.83 -4.85 -4.79
C HIS A 386 -15.10 -4.84 -6.14
N HIS A 387 -15.36 -5.86 -6.97
CA HIS A 387 -14.58 -5.97 -8.21
C HIS A 387 -15.06 -4.94 -9.27
N HIS A 388 -16.31 -4.58 -9.20
CA HIS A 388 -16.80 -3.44 -10.05
C HIS A 388 -16.01 -2.14 -9.65
N ALA A 389 -15.87 -1.90 -8.34
CA ALA A 389 -15.08 -0.70 -7.87
C ALA A 389 -13.61 -0.71 -8.35
N HIS A 390 -12.95 -1.86 -8.20
CA HIS A 390 -11.59 -1.97 -8.72
C HIS A 390 -11.57 -1.56 -10.22
N ALA A 391 -12.45 -2.15 -10.99
CA ALA A 391 -12.41 -1.87 -12.43
C ALA A 391 -12.74 -0.37 -12.73
N ALA A 392 -13.71 0.22 -12.01
CA ALA A 392 -14.06 1.60 -12.31
C ALA A 392 -12.96 2.59 -11.88
N ALA A 393 -12.17 2.19 -10.87
CA ALA A 393 -11.08 3.00 -10.39
C ALA A 393 -10.03 3.11 -11.48
N CYS A 394 -9.73 1.98 -12.12
CA CYS A 394 -8.79 1.98 -13.26
C CYS A 394 -9.33 2.82 -14.44
N LEU A 395 -10.62 2.68 -14.81
CA LEU A 395 -11.24 3.52 -15.86
C LEU A 395 -11.18 5.01 -15.51
N ALA A 396 -11.48 5.31 -14.24
CA ALA A 396 -11.41 6.73 -13.78
C ALA A 396 -10.02 7.36 -13.93
N GLU A 397 -8.96 6.63 -13.58
CA GLU A 397 -7.59 7.11 -13.67
C GLU A 397 -7.23 7.38 -15.12
N HIS A 398 -7.72 6.54 -16.02
CA HIS A 398 -7.47 6.75 -17.44
C HIS A 398 -8.46 7.74 -18.10
N GLN A 399 -9.23 8.47 -17.25
CA GLN A 399 -10.18 9.46 -17.74
C GLN A 399 -11.15 8.86 -18.78
N TRP A 400 -11.57 7.63 -18.57
CA TRP A 400 -12.62 7.09 -19.49
C TRP A 400 -13.89 7.92 -19.34
N PRO A 401 -14.44 8.44 -20.44
CA PRO A 401 -15.62 9.31 -20.28
C PRO A 401 -16.82 8.54 -19.74
N LEU A 402 -17.70 9.28 -19.09
CA LEU A 402 -18.99 8.79 -18.66
C LEU A 402 -19.79 8.00 -19.68
N ASP A 403 -19.76 8.45 -20.90
CA ASP A 403 -20.54 7.75 -21.93
C ASP A 403 -19.56 6.93 -22.81
N GLY A 404 -18.38 6.61 -22.27
CA GLY A 404 -17.33 6.03 -23.11
C GLY A 404 -17.59 4.69 -23.80
N GLY A 405 -18.58 3.91 -23.36
CA GLY A 405 -18.64 2.54 -23.95
C GLY A 405 -18.16 1.48 -22.94
N ASP A 406 -18.66 0.26 -23.08
CA ASP A 406 -18.25 -0.88 -22.23
C ASP A 406 -16.81 -1.30 -22.52
N VAL A 407 -16.17 -1.80 -21.44
CA VAL A 407 -14.87 -2.52 -21.53
C VAL A 407 -15.04 -3.95 -21.00
N ILE A 408 -14.07 -4.82 -21.36
CA ILE A 408 -13.89 -6.05 -20.58
C ILE A 408 -12.82 -5.83 -19.55
N ALA A 409 -13.12 -6.26 -18.31
CA ALA A 409 -12.21 -6.03 -17.21
C ALA A 409 -11.76 -7.39 -16.68
N LEU A 410 -10.51 -7.45 -16.28
CA LEU A 410 -9.98 -8.64 -15.60
C LEU A 410 -9.62 -8.17 -14.18
N THR A 411 -10.28 -8.74 -13.17
CA THR A 411 -10.07 -8.24 -11.82
C THR A 411 -9.58 -9.42 -11.01
N LEU A 412 -8.36 -9.28 -10.50
CA LEU A 412 -7.61 -10.40 -9.94
C LEU A 412 -7.20 -9.98 -8.54
N ASP A 413 -7.67 -10.72 -7.55
CA ASP A 413 -7.27 -10.39 -6.17
C ASP A 413 -7.33 -11.59 -5.27
N GLY A 414 -7.42 -11.34 -3.96
CA GLY A 414 -7.49 -12.43 -3.00
C GLY A 414 -8.94 -12.87 -2.94
N ILE A 415 -9.79 -12.03 -2.36
CA ILE A 415 -11.20 -12.32 -2.21
C ILE A 415 -11.91 -10.98 -2.09
N GLY A 416 -13.02 -10.89 -2.79
CA GLY A 416 -13.99 -9.84 -2.46
C GLY A 416 -15.34 -10.45 -2.71
N MET A 417 -16.36 -9.93 -2.03
CA MET A 417 -17.69 -10.40 -2.24
C MET A 417 -18.24 -10.03 -3.66
N GLY A 418 -18.71 -11.03 -4.40
CA GLY A 418 -19.26 -10.89 -5.74
C GLY A 418 -20.78 -10.86 -5.68
N GLU A 419 -21.44 -10.98 -6.85
CA GLU A 419 -22.90 -11.02 -6.95
C GLU A 419 -23.49 -12.16 -6.16
N ASN A 420 -24.54 -11.89 -5.38
CA ASN A 420 -25.32 -12.93 -4.68
C ASN A 420 -24.53 -13.78 -3.72
N GLY A 421 -23.59 -13.21 -3.01
CA GLY A 421 -22.91 -13.95 -2.01
C GLY A 421 -21.66 -14.69 -2.52
N ALA A 422 -21.44 -14.75 -3.84
CA ALA A 422 -20.22 -15.51 -4.32
C ALA A 422 -18.92 -14.83 -3.84
N LEU A 423 -17.91 -15.61 -3.57
CA LEU A 423 -16.57 -15.08 -3.28
C LEU A 423 -15.76 -15.02 -4.60
N TRP A 424 -15.44 -13.83 -5.08
CA TRP A 424 -14.73 -13.71 -6.33
C TRP A 424 -13.30 -13.24 -6.07
N GLY A 425 -12.41 -13.41 -7.04
CA GLY A 425 -11.04 -12.85 -7.00
C GLY A 425 -10.26 -13.22 -8.27
N GLY A 426 -10.95 -13.64 -9.33
CA GLY A 426 -10.26 -14.00 -10.60
C GLY A 426 -11.29 -14.05 -11.72
N GLU A 427 -11.82 -12.87 -12.11
CA GLU A 427 -13.02 -12.80 -12.90
C GLU A 427 -12.78 -11.94 -14.14
N CYS A 428 -13.47 -12.35 -15.20
CA CYS A 428 -13.65 -11.54 -16.41
C CYS A 428 -15.01 -10.86 -16.33
N LEU A 429 -15.01 -9.55 -16.42
CA LEU A 429 -16.31 -8.82 -16.34
C LEU A 429 -16.56 -7.89 -17.56
N ARG A 430 -17.82 -7.69 -17.91
CA ARG A 430 -18.21 -6.56 -18.81
C ARG A 430 -18.64 -5.39 -17.91
N VAL A 431 -17.95 -4.25 -18.02
CA VAL A 431 -18.24 -3.17 -17.10
C VAL A 431 -18.37 -1.83 -17.80
N ASN A 432 -19.14 -0.95 -17.17
CA ASN A 432 -19.07 0.47 -17.49
C ASN A 432 -19.28 1.11 -16.14
N TYR A 433 -19.42 2.43 -16.06
CA TYR A 433 -19.55 3.02 -14.68
C TYR A 433 -20.82 2.69 -13.90
N ARG A 434 -21.86 2.18 -14.57
CA ARG A 434 -23.05 1.80 -13.90
C ARG A 434 -23.27 0.34 -13.74
N GLU A 435 -22.74 -0.50 -14.63
CA GLU A 435 -23.11 -1.93 -14.76
C GLU A 435 -21.87 -2.82 -14.59
N CYS A 436 -22.05 -4.02 -14.04
CA CYS A 436 -20.97 -5.02 -14.00
C CYS A 436 -21.67 -6.33 -14.37
N GLU A 437 -21.32 -6.97 -15.49
CA GLU A 437 -21.90 -8.30 -15.77
C GLU A 437 -20.79 -9.36 -15.68
N HIS A 438 -20.95 -10.39 -14.85
CA HIS A 438 -19.95 -11.41 -14.73
C HIS A 438 -19.94 -12.32 -15.94
N LEU A 439 -18.80 -12.53 -16.55
CA LEU A 439 -18.72 -13.35 -17.77
C LEU A 439 -18.04 -14.70 -17.57
N GLY A 440 -17.06 -14.77 -16.68
CA GLY A 440 -16.29 -16.04 -16.52
C GLY A 440 -15.02 -15.82 -15.71
N GLY A 441 -14.10 -16.76 -15.75
CA GLY A 441 -12.87 -16.67 -15.05
C GLY A 441 -12.42 -18.00 -14.43
N LEU A 442 -11.71 -17.91 -13.32
CA LEU A 442 -11.25 -19.15 -12.64
C LEU A 442 -12.43 -19.97 -12.08
N PRO A 443 -12.27 -21.30 -11.97
CA PRO A 443 -13.32 -22.05 -11.25
C PRO A 443 -13.34 -21.77 -9.74
N ALA A 444 -14.52 -21.87 -9.15
CA ALA A 444 -14.63 -21.61 -7.73
C ALA A 444 -14.13 -22.89 -7.02
N VAL A 445 -13.16 -22.69 -6.12
CA VAL A 445 -12.54 -23.82 -5.33
C VAL A 445 -12.58 -23.49 -3.83
N ALA A 446 -12.72 -24.54 -3.00
CA ALA A 446 -12.98 -24.36 -1.53
C ALA A 446 -11.80 -23.61 -0.89
N LEU A 447 -12.07 -22.75 0.08
CA LEU A 447 -11.09 -22.23 1.02
C LEU A 447 -11.13 -23.11 2.29
N PRO A 448 -10.23 -24.13 2.44
CA PRO A 448 -10.38 -25.10 3.56
C PRO A 448 -9.97 -24.41 4.86
N GLY A 449 -10.86 -24.44 5.86
CA GLY A 449 -10.62 -23.74 7.12
C GLY A 449 -10.82 -22.21 7.03
N GLY A 450 -11.55 -21.78 6.01
CA GLY A 450 -12.01 -20.37 5.85
C GLY A 450 -10.85 -19.42 5.93
N ASP A 451 -10.82 -18.63 6.99
CA ASP A 451 -9.72 -17.64 7.23
C ASP A 451 -8.29 -18.27 7.23
N LEU A 452 -8.14 -19.55 7.56
CA LEU A 452 -6.81 -20.16 7.58
C LEU A 452 -6.29 -20.38 6.16
N ALA A 453 -7.18 -20.49 5.17
CA ALA A 453 -6.70 -20.67 3.76
C ALA A 453 -5.72 -19.55 3.32
N ALA A 454 -5.91 -18.31 3.79
CA ALA A 454 -5.01 -17.21 3.35
C ALA A 454 -3.68 -17.21 4.13
N LYS A 455 -3.61 -17.92 5.25
CA LYS A 455 -2.38 -18.02 6.04
C LYS A 455 -1.54 -19.23 5.75
N GLN A 456 -2.15 -20.31 5.22
CA GLN A 456 -1.40 -21.56 4.97
C GLN A 456 -1.60 -22.01 3.56
N PRO A 457 -0.65 -21.64 2.69
CA PRO A 457 -0.76 -21.92 1.26
C PRO A 457 -1.04 -23.37 0.99
N TRP A 458 -0.43 -24.31 1.77
CA TRP A 458 -0.75 -25.69 1.48
C TRP A 458 -2.29 -26.02 1.48
N ARG A 459 -3.13 -25.24 2.15
CA ARG A 459 -4.55 -25.62 2.18
C ARG A 459 -5.24 -25.47 0.79
N ASN A 460 -4.68 -24.51 0.05
CA ASN A 460 -5.11 -24.20 -1.33
C ASN A 460 -4.67 -25.27 -2.31
N LEU A 461 -3.45 -25.73 -2.14
CA LEU A 461 -2.91 -26.87 -2.94
C LEU A 461 -3.76 -28.12 -2.71
N LEU A 462 -4.07 -28.45 -1.45
CA LEU A 462 -4.95 -29.56 -1.16
C LEU A 462 -6.30 -29.41 -1.88
N ALA A 463 -6.93 -28.22 -1.78
CA ALA A 463 -8.25 -27.97 -2.40
C ALA A 463 -8.18 -28.15 -3.95
N GLN A 464 -7.11 -27.65 -4.54
CA GLN A 464 -6.89 -27.77 -6.05
C GLN A 464 -6.70 -29.27 -6.41
N CYS A 465 -5.95 -30.00 -5.56
CA CYS A 465 -5.61 -31.42 -5.85
C CYS A 465 -6.86 -32.28 -5.70
N LEU A 466 -7.61 -32.07 -4.63
CA LEU A 466 -8.87 -32.82 -4.49
C LEU A 466 -9.80 -32.60 -5.69
N ARG A 467 -9.84 -31.38 -6.24
CA ARG A 467 -10.73 -31.12 -7.37
C ARG A 467 -10.18 -31.60 -8.68
N PHE A 468 -8.88 -31.39 -8.91
CA PHE A 468 -8.39 -31.44 -10.29
C PHE A 468 -7.31 -32.49 -10.58
N VAL A 469 -6.73 -33.11 -9.56
CA VAL A 469 -5.53 -33.93 -9.75
C VAL A 469 -5.70 -35.40 -9.32
N PRO A 470 -5.89 -36.29 -10.31
CA PRO A 470 -5.85 -37.76 -10.03
C PRO A 470 -4.53 -38.19 -9.40
N GLU A 471 -4.60 -39.07 -8.37
CA GLU A 471 -3.47 -39.69 -7.76
C GLU A 471 -2.51 -38.60 -7.29
N TRP A 472 -3.05 -37.47 -6.75
CA TRP A 472 -2.20 -36.33 -6.39
C TRP A 472 -1.16 -36.63 -5.26
N GLN A 473 -1.44 -37.61 -4.40
CA GLN A 473 -0.53 -37.98 -3.32
C GLN A 473 0.80 -38.58 -3.81
N ASN A 474 0.82 -39.01 -5.05
CA ASN A 474 2.05 -39.52 -5.58
C ASN A 474 3.04 -38.49 -6.15
N TYR A 475 2.76 -37.18 -6.12
CA TYR A 475 3.71 -36.16 -6.67
C TYR A 475 4.62 -35.65 -5.52
N PRO A 476 5.95 -35.57 -5.73
CA PRO A 476 6.77 -34.94 -4.64
C PRO A 476 6.24 -33.54 -4.13
N GLU A 477 5.63 -32.76 -5.03
CA GLU A 477 5.12 -31.44 -4.68
C GLU A 477 4.05 -31.45 -3.60
N THR A 478 3.34 -32.54 -3.43
CA THR A 478 2.30 -32.59 -2.46
C THR A 478 2.72 -33.33 -1.21
N ALA A 479 4.00 -33.63 -1.05
CA ALA A 479 4.36 -34.64 -0.02
C ALA A 479 4.09 -34.30 1.44
N SER A 480 4.25 -33.04 1.85
CA SER A 480 3.96 -32.68 3.23
C SER A 480 2.42 -32.74 3.53
N VAL A 481 1.59 -32.56 2.51
CA VAL A 481 0.15 -32.71 2.69
C VAL A 481 -0.27 -34.18 2.73
N ALA A 482 0.23 -34.92 1.75
CA ALA A 482 -0.06 -36.34 1.66
C ALA A 482 0.40 -37.14 2.86
N ALA A 483 1.40 -36.65 3.60
CA ALA A 483 1.96 -37.38 4.78
C ALA A 483 1.09 -37.12 6.01
N ALA A 484 0.28 -36.06 5.96
CA ALA A 484 -0.57 -35.73 7.12
C ALA A 484 -1.90 -36.46 7.03
N ASN A 485 -2.70 -36.30 8.06
CA ASN A 485 -4.03 -36.86 8.02
C ASN A 485 -4.98 -35.85 7.32
N TRP A 486 -4.80 -35.69 6.01
CA TRP A 486 -5.55 -34.72 5.24
C TRP A 486 -7.02 -35.15 5.03
N SER A 487 -7.36 -36.41 5.31
CA SER A 487 -8.74 -36.81 5.02
C SER A 487 -9.77 -36.15 5.91
N VAL A 488 -9.39 -35.73 7.15
CA VAL A 488 -10.40 -35.07 8.03
C VAL A 488 -10.82 -33.74 7.35
N LEU A 489 -9.83 -32.98 6.91
CA LEU A 489 -10.14 -31.66 6.29
C LEU A 489 -10.83 -31.87 4.90
N ALA A 490 -10.46 -32.92 4.20
CA ALA A 490 -11.13 -33.25 2.95
C ALA A 490 -12.61 -33.59 3.20
N ARG A 491 -12.94 -34.25 4.33
CA ARG A 491 -14.33 -34.60 4.65
C ARG A 491 -15.09 -33.33 4.97
N ALA A 492 -14.44 -32.40 5.69
CA ALA A 492 -15.08 -31.11 5.94
C ALA A 492 -15.31 -30.33 4.58
N ILE A 493 -14.34 -30.34 3.70
CA ILE A 493 -14.53 -29.66 2.38
C ILE A 493 -15.75 -30.21 1.64
N GLU A 494 -15.82 -31.53 1.47
CA GLU A 494 -16.94 -32.19 0.80
C GLU A 494 -18.27 -31.85 1.45
N ARG A 495 -18.31 -31.69 2.77
CA ARG A 495 -19.53 -31.29 3.45
C ARG A 495 -19.79 -29.81 3.53
N GLY A 496 -18.88 -29.03 3.03
CA GLY A 496 -19.06 -27.59 3.08
C GLY A 496 -19.00 -27.04 4.49
N ILE A 497 -18.14 -27.60 5.34
CA ILE A 497 -18.00 -27.07 6.70
C ILE A 497 -16.80 -26.08 6.74
N ASN A 498 -17.11 -24.79 6.88
CA ASN A 498 -16.10 -23.74 6.85
C ASN A 498 -15.14 -23.91 5.64
N ALA A 499 -15.72 -24.20 4.47
CA ALA A 499 -14.94 -24.38 3.25
C ALA A 499 -15.68 -23.69 2.07
N PRO A 500 -15.90 -22.38 2.16
CA PRO A 500 -16.68 -21.71 1.08
C PRO A 500 -15.91 -21.73 -0.24
N LEU A 501 -16.64 -21.83 -1.37
CA LEU A 501 -16.01 -21.79 -2.69
C LEU A 501 -15.58 -20.33 -3.07
N ALA A 502 -14.39 -20.18 -3.63
CA ALA A 502 -13.89 -18.86 -4.14
C ALA A 502 -13.07 -19.04 -5.40
N SER A 503 -13.35 -18.16 -6.41
CA SER A 503 -12.60 -18.24 -7.63
C SER A 503 -11.37 -17.31 -7.47
N SER A 504 -10.50 -17.55 -6.49
CA SER A 504 -9.47 -16.58 -6.15
C SER A 504 -8.13 -16.79 -6.93
N CYS A 505 -7.69 -15.76 -7.65
CA CYS A 505 -6.34 -15.72 -8.27
C CYS A 505 -5.27 -15.73 -7.18
N GLY A 506 -5.49 -15.03 -6.06
CA GLY A 506 -4.50 -15.03 -5.02
C GLY A 506 -4.30 -16.39 -4.39
N ARG A 507 -5.39 -17.12 -4.16
CA ARG A 507 -5.28 -18.46 -3.60
C ARG A 507 -4.66 -19.47 -4.60
N LEU A 508 -4.86 -19.27 -5.91
CA LEU A 508 -4.20 -20.14 -6.88
C LEU A 508 -2.70 -19.89 -6.86
N PHE A 509 -2.26 -18.62 -6.82
CA PHE A 509 -0.85 -18.32 -6.55
C PHE A 509 -0.31 -19.06 -5.30
N ASP A 510 -1.03 -18.95 -4.18
CA ASP A 510 -0.58 -19.69 -2.97
C ASP A 510 -0.47 -21.22 -3.17
N ALA A 511 -1.39 -21.83 -3.89
CA ALA A 511 -1.29 -23.24 -4.15
C ALA A 511 0.00 -23.58 -4.90
N VAL A 512 0.31 -22.75 -5.92
CA VAL A 512 1.53 -23.00 -6.68
C VAL A 512 2.79 -22.77 -5.85
N ALA A 513 2.81 -21.72 -5.03
CA ALA A 513 3.94 -21.47 -4.15
C ALA A 513 4.08 -22.61 -3.16
N ALA A 514 2.96 -23.14 -2.65
CA ALA A 514 3.10 -24.32 -1.71
C ALA A 514 3.79 -25.46 -2.48
N ALA A 515 3.44 -25.64 -3.77
CA ALA A 515 3.92 -26.80 -4.53
C ALA A 515 5.39 -26.67 -4.80
N LEU A 516 5.87 -25.43 -4.96
CA LEU A 516 7.28 -25.25 -5.17
C LEU A 516 8.11 -25.19 -3.92
N GLY A 517 7.47 -25.08 -2.73
CA GLY A 517 8.14 -24.80 -1.44
C GLY A 517 8.81 -23.45 -1.34
N CYS A 518 8.31 -22.41 -2.02
CA CYS A 518 9.04 -21.14 -1.95
C CYS A 518 8.62 -20.17 -0.82
N ALA A 519 7.69 -20.61 0.02
CA ALA A 519 7.21 -19.80 1.11
C ALA A 519 7.19 -20.66 2.42
N PRO A 520 7.16 -20.01 3.58
CA PRO A 520 7.02 -20.78 4.87
C PRO A 520 5.68 -21.49 4.86
N ALA A 521 5.57 -22.62 5.54
CA ALA A 521 4.25 -23.31 5.59
C ALA A 521 3.15 -22.41 6.13
N THR A 522 3.46 -21.53 7.09
CA THR A 522 2.45 -20.58 7.59
C THR A 522 2.99 -19.19 7.37
N LEU A 523 2.18 -18.29 6.80
CA LEU A 523 2.59 -16.92 6.44
C LEU A 523 2.42 -15.87 7.59
N SER A 524 3.23 -14.81 7.55
CA SER A 524 3.20 -13.78 8.61
C SER A 524 2.72 -12.49 8.05
N TYR A 525 2.49 -12.43 6.71
CA TYR A 525 1.84 -11.28 6.14
C TYR A 525 1.04 -11.55 4.84
N GLU A 526 0.12 -10.64 4.56
CA GLU A 526 -0.86 -10.82 3.48
C GLU A 526 -0.19 -10.69 2.10
N GLY A 527 -0.39 -11.69 1.26
CA GLY A 527 0.26 -11.77 -0.04
C GLY A 527 1.66 -12.35 -0.05
N GLU A 528 2.18 -12.77 1.10
CA GLU A 528 3.57 -13.27 1.24
C GLU A 528 3.97 -14.39 0.25
N ALA A 529 3.13 -15.45 0.14
CA ALA A 529 3.49 -16.55 -0.78
C ALA A 529 3.51 -16.02 -2.24
N ALA A 530 2.60 -15.09 -2.57
CA ALA A 530 2.49 -14.65 -3.93
C ALA A 530 3.69 -13.80 -4.31
N CYS A 531 4.13 -12.92 -3.41
CA CYS A 531 5.34 -12.09 -3.64
C CYS A 531 6.56 -12.96 -3.77
N ALA A 532 6.62 -14.02 -2.94
CA ALA A 532 7.72 -14.98 -3.08
C ALA A 532 7.79 -15.64 -4.45
N LEU A 533 6.64 -16.16 -4.94
CA LEU A 533 6.53 -16.87 -6.19
C LEU A 533 6.87 -15.90 -7.36
N GLU A 534 6.41 -14.66 -7.24
CA GLU A 534 6.73 -13.64 -8.26
C GLU A 534 8.23 -13.34 -8.29
N ALA A 535 8.85 -13.21 -7.10
CA ALA A 535 10.33 -13.02 -7.00
C ALA A 535 11.14 -14.16 -7.65
N LEU A 536 10.70 -15.39 -7.41
CA LEU A 536 11.26 -16.57 -8.01
C LEU A 536 11.15 -16.51 -9.55
N ALA A 537 9.96 -16.26 -10.06
CA ALA A 537 9.71 -16.24 -11.51
C ALA A 537 10.48 -15.10 -12.18
N ALA A 538 10.58 -13.94 -11.53
CA ALA A 538 11.28 -12.75 -12.13
C ALA A 538 12.79 -13.03 -12.36
N SER A 539 13.36 -13.99 -11.68
CA SER A 539 14.77 -14.30 -11.89
C SER A 539 14.99 -15.14 -13.16
N CYS A 540 13.90 -15.62 -13.78
CA CYS A 540 14.00 -16.32 -15.06
C CYS A 540 13.77 -15.29 -16.17
N ASP A 541 14.59 -15.32 -17.22
CA ASP A 541 14.41 -14.37 -18.35
C ASP A 541 13.37 -14.79 -19.40
N GLY A 542 12.75 -15.96 -19.22
CA GLY A 542 11.75 -16.47 -20.17
C GLY A 542 12.20 -17.82 -20.65
N VAL A 543 11.26 -18.74 -20.87
CA VAL A 543 11.67 -20.10 -21.09
C VAL A 543 10.63 -20.66 -22.01
N THR A 544 11.03 -21.52 -22.95
CA THR A 544 10.04 -22.27 -23.72
C THR A 544 9.51 -23.43 -22.86
N HIS A 545 8.19 -23.55 -22.71
CA HIS A 545 7.65 -24.64 -21.79
C HIS A 545 6.32 -25.08 -22.40
N PRO A 546 5.77 -26.23 -21.95
CA PRO A 546 4.53 -26.75 -22.50
C PRO A 546 3.31 -26.55 -21.60
N VAL A 547 3.47 -25.74 -20.55
CA VAL A 547 2.34 -25.57 -19.61
C VAL A 547 1.31 -24.58 -20.19
N THR A 548 0.04 -24.95 -20.16
CA THR A 548 -1.04 -24.10 -20.64
C THR A 548 -2.21 -24.11 -19.59
N MET A 549 -3.09 -23.12 -19.73
CA MET A 549 -4.37 -23.02 -19.07
C MET A 549 -5.45 -22.81 -20.08
N PRO A 550 -5.93 -23.90 -20.69
CA PRO A 550 -6.84 -23.68 -21.79
C PRO A 550 -8.24 -23.19 -21.35
N ARG A 551 -9.00 -22.60 -22.26
CA ARG A 551 -10.34 -22.06 -22.00
C ARG A 551 -11.27 -23.25 -22.14
N VAL A 552 -12.17 -23.47 -21.20
CA VAL A 552 -13.28 -24.40 -21.45
C VAL A 552 -14.63 -23.66 -21.21
N ASP A 553 -15.30 -23.28 -22.30
CA ASP A 553 -16.46 -22.34 -22.19
C ASP A 553 -15.95 -20.98 -21.62
N ASN A 554 -16.40 -20.55 -20.46
CA ASN A 554 -16.01 -19.24 -19.93
C ASN A 554 -15.08 -19.37 -18.71
N GLN A 555 -14.49 -20.54 -18.55
CA GLN A 555 -13.64 -20.80 -17.38
C GLN A 555 -12.31 -21.32 -17.83
N LEU A 556 -11.30 -21.21 -16.95
CA LEU A 556 -9.98 -21.79 -17.24
C LEU A 556 -9.94 -23.26 -16.78
N ASP A 557 -9.26 -24.10 -17.58
CA ASP A 557 -9.25 -25.53 -17.34
C ASP A 557 -8.05 -25.86 -16.46
N LEU A 558 -8.30 -25.81 -15.18
CA LEU A 558 -7.22 -26.06 -14.23
C LEU A 558 -6.73 -27.52 -14.18
N ALA A 559 -7.58 -28.49 -14.53
CA ALA A 559 -7.09 -29.86 -14.56
C ALA A 559 -5.96 -30.07 -15.59
N THR A 560 -6.11 -29.45 -16.77
CA THR A 560 -5.05 -29.59 -17.75
C THR A 560 -3.82 -28.82 -17.25
N PHE A 561 -4.03 -27.59 -16.70
CA PHE A 561 -2.96 -26.81 -16.06
C PHE A 561 -2.09 -27.66 -15.09
N TRP A 562 -2.73 -28.18 -14.05
CA TRP A 562 -2.02 -28.96 -13.02
C TRP A 562 -1.31 -30.21 -13.63
N GLN A 563 -1.97 -30.93 -14.53
CA GLN A 563 -1.37 -32.16 -15.08
C GLN A 563 -0.09 -31.74 -15.84
N GLN A 564 -0.13 -30.69 -16.68
CA GLN A 564 1.08 -30.26 -17.38
C GLN A 564 2.12 -29.65 -16.45
N TRP A 565 1.71 -28.79 -15.52
CA TRP A 565 2.63 -28.06 -14.70
C TRP A 565 3.35 -29.00 -13.68
N LEU A 566 2.59 -29.87 -13.03
CA LEU A 566 3.18 -30.84 -12.14
C LEU A 566 4.19 -31.80 -12.82
N ASN A 567 4.01 -32.02 -14.13
CA ASN A 567 4.85 -33.03 -14.87
C ASN A 567 5.94 -32.38 -15.68
N TRP A 568 6.05 -31.05 -15.59
CA TRP A 568 7.14 -30.36 -16.33
C TRP A 568 8.27 -30.02 -15.37
N GLN A 569 9.28 -30.94 -15.29
CA GLN A 569 10.38 -30.74 -14.31
C GLN A 569 11.31 -29.71 -14.90
N ALA A 570 11.74 -28.77 -14.06
CA ALA A 570 12.59 -27.74 -14.54
C ALA A 570 13.08 -27.03 -13.29
N PRO A 571 14.15 -26.25 -13.41
CA PRO A 571 14.59 -25.39 -12.31
C PRO A 571 13.39 -24.60 -11.74
N VAL A 572 13.36 -24.34 -10.42
CA VAL A 572 12.19 -23.77 -9.82
C VAL A 572 11.81 -22.37 -10.38
N ASN A 573 12.80 -21.59 -10.78
CA ASN A 573 12.48 -20.24 -11.25
C ASN A 573 11.76 -20.37 -12.59
N GLN A 574 12.12 -21.37 -13.38
CA GLN A 574 11.47 -21.60 -14.67
C GLN A 574 10.07 -22.14 -14.45
N ARG A 575 9.85 -22.99 -13.44
CA ARG A 575 8.47 -23.51 -13.12
C ARG A 575 7.56 -22.38 -12.68
N ALA A 576 8.10 -21.46 -11.88
CA ALA A 576 7.29 -20.32 -11.45
C ALA A 576 6.94 -19.35 -12.69
N TRP A 577 7.91 -19.24 -13.58
CA TRP A 577 7.73 -18.35 -14.76
C TRP A 577 6.62 -18.96 -15.67
N ALA A 578 6.70 -20.28 -15.88
CA ALA A 578 5.67 -21.01 -16.64
C ALA A 578 4.27 -20.87 -16.11
N PHE A 579 4.11 -20.95 -14.79
CA PHE A 579 2.82 -20.65 -14.23
C PHE A 579 2.28 -19.26 -14.61
N HIS A 580 3.09 -18.20 -14.41
CA HIS A 580 2.69 -16.82 -14.75
C HIS A 580 2.30 -16.72 -16.22
N ASP A 581 3.18 -17.28 -17.06
CA ASP A 581 2.95 -17.27 -18.53
C ASP A 581 1.64 -17.97 -18.93
N ALA A 582 1.41 -19.17 -18.40
CA ALA A 582 0.24 -19.93 -18.76
C ALA A 582 -1.03 -19.24 -18.19
N LEU A 583 -0.97 -18.72 -16.97
CA LEU A 583 -2.08 -17.93 -16.44
C LEU A 583 -2.42 -16.72 -17.33
N ALA A 584 -1.42 -15.97 -17.72
CA ALA A 584 -1.71 -14.79 -18.59
C ALA A 584 -2.31 -15.20 -19.91
N GLN A 585 -1.78 -16.30 -20.50
CA GLN A 585 -2.18 -16.76 -21.81
C GLN A 585 -3.63 -17.22 -21.75
N GLY A 586 -4.01 -17.94 -20.69
CA GLY A 586 -5.40 -18.37 -20.53
C GLY A 586 -6.40 -17.24 -20.29
N PHE A 587 -6.10 -16.26 -19.42
CA PHE A 587 -6.96 -15.10 -19.29
C PHE A 587 -7.03 -14.28 -20.56
N ALA A 588 -5.92 -14.22 -21.32
CA ALA A 588 -5.90 -13.42 -22.60
C ALA A 588 -6.90 -14.08 -23.56
N ALA A 589 -6.84 -15.41 -23.60
CA ALA A 589 -7.70 -16.19 -24.51
C ALA A 589 -9.19 -15.92 -24.19
N LEU A 590 -9.53 -16.01 -22.89
CA LEU A 590 -10.86 -15.63 -22.40
C LEU A 590 -11.32 -14.22 -22.76
N MET A 591 -10.51 -13.20 -22.46
CA MET A 591 -10.85 -11.81 -22.69
C MET A 591 -10.98 -11.54 -24.21
N ARG A 592 -10.15 -12.20 -24.99
CA ARG A 592 -10.26 -12.04 -26.48
C ARG A 592 -11.60 -12.48 -26.99
N GLU A 593 -12.03 -13.64 -26.56
CA GLU A 593 -13.32 -14.18 -27.06
C GLU A 593 -14.47 -13.28 -26.61
N GLN A 594 -14.50 -12.93 -25.33
CA GLN A 594 -15.50 -12.03 -24.79
C GLN A 594 -15.51 -10.63 -25.42
N ALA A 595 -14.35 -9.96 -25.57
CA ALA A 595 -14.35 -8.61 -26.11
C ALA A 595 -14.66 -8.55 -27.64
N THR A 596 -14.12 -9.50 -28.42
CA THR A 596 -14.18 -9.42 -29.87
C THR A 596 -15.62 -9.70 -30.23
N MET A 597 -16.25 -10.66 -29.57
CA MET A 597 -17.64 -11.02 -29.90
C MET A 597 -18.72 -10.03 -29.39
N ARG A 598 -18.26 -9.05 -28.60
CA ARG A 598 -19.08 -7.92 -28.22
C ARG A 598 -18.72 -6.61 -28.88
N GLY A 599 -17.69 -6.58 -29.73
CA GLY A 599 -17.30 -5.31 -30.35
C GLY A 599 -16.55 -4.33 -29.48
N ILE A 600 -15.88 -4.88 -28.45
CA ILE A 600 -15.18 -4.07 -27.46
C ILE A 600 -13.70 -4.03 -27.79
N THR A 601 -13.06 -2.84 -27.73
CA THR A 601 -11.63 -2.77 -28.11
C THR A 601 -10.70 -2.37 -27.00
N THR A 602 -11.29 -2.15 -25.83
CA THR A 602 -10.53 -1.74 -24.65
C THR A 602 -10.71 -2.73 -23.48
N LEU A 603 -9.59 -3.05 -22.84
CA LEU A 603 -9.51 -4.06 -21.76
C LEU A 603 -8.97 -3.30 -20.55
N VAL A 604 -9.56 -3.62 -19.39
CA VAL A 604 -9.18 -3.00 -18.16
C VAL A 604 -8.63 -4.08 -17.19
N PHE A 605 -7.60 -3.70 -16.41
CA PHE A 605 -6.99 -4.67 -15.45
C PHE A 605 -6.93 -4.04 -14.08
N SER A 606 -7.33 -4.80 -13.05
CA SER A 606 -7.31 -4.27 -11.70
C SER A 606 -7.38 -5.36 -10.65
N GLY A 607 -7.39 -4.95 -9.38
CA GLY A 607 -7.24 -5.96 -8.27
C GLY A 607 -5.79 -6.07 -7.82
N GLY A 608 -5.56 -6.41 -6.54
CA GLY A 608 -4.19 -6.51 -5.95
C GLY A 608 -3.18 -7.36 -6.70
N VAL A 609 -3.65 -8.41 -7.36
CA VAL A 609 -2.74 -9.29 -8.15
C VAL A 609 -2.08 -8.60 -9.37
N ILE A 610 -2.65 -7.50 -9.81
CA ILE A 610 -2.24 -6.83 -11.00
C ILE A 610 -1.04 -5.95 -10.61
N HIS A 611 -0.70 -5.86 -9.31
CA HIS A 611 0.68 -5.36 -8.94
C HIS A 611 1.83 -6.31 -9.40
N ASN A 612 1.51 -7.55 -9.80
CA ASN A 612 2.54 -8.46 -10.21
C ASN A 612 3.08 -8.01 -11.62
N ARG A 613 4.37 -7.60 -11.67
CA ARG A 613 4.96 -7.04 -12.87
C ARG A 613 5.09 -8.05 -13.99
N LEU A 614 5.32 -9.32 -13.66
CA LEU A 614 5.54 -10.30 -14.69
C LEU A 614 4.15 -10.64 -15.28
N LEU A 615 3.11 -10.75 -14.42
CA LEU A 615 1.78 -10.92 -15.00
C LEU A 615 1.36 -9.79 -15.99
N ARG A 616 1.61 -8.53 -15.66
N ARG A 616 1.67 -8.55 -15.57
CA ARG A 616 1.19 -7.50 -16.59
CA ARG A 616 1.40 -7.34 -16.32
C ARG A 616 2.00 -7.61 -17.87
C ARG A 616 2.05 -7.40 -17.68
N ALA A 617 3.29 -7.87 -17.69
CA ALA A 617 4.16 -7.95 -18.88
C ALA A 617 3.61 -9.02 -19.82
N ARG A 618 3.24 -10.18 -19.26
CA ARG A 618 2.73 -11.28 -20.12
C ARG A 618 1.33 -10.97 -20.71
N LEU A 619 0.42 -10.43 -19.90
CA LEU A 619 -0.90 -10.01 -20.44
C LEU A 619 -0.73 -9.02 -21.58
N ALA A 620 0.19 -8.06 -21.43
CA ALA A 620 0.36 -7.02 -22.43
C ALA A 620 1.01 -7.59 -23.69
N HIS A 621 1.95 -8.53 -23.50
CA HIS A 621 2.49 -9.31 -24.60
C HIS A 621 1.38 -10.08 -25.38
N TYR A 622 0.46 -10.79 -24.71
CA TYR A 622 -0.59 -11.55 -25.43
C TYR A 622 -1.81 -10.74 -25.89
N LEU A 623 -2.02 -9.55 -25.34
CA LEU A 623 -3.22 -8.69 -25.65
C LEU A 623 -2.87 -7.41 -26.43
N ALA A 624 -1.79 -7.51 -27.18
CA ALA A 624 -1.31 -6.36 -27.99
C ALA A 624 -2.35 -5.92 -29.08
N ASP A 625 -3.26 -6.82 -29.44
CA ASP A 625 -4.37 -6.49 -30.37
C ASP A 625 -5.44 -5.61 -29.70
N PHE A 626 -5.31 -5.22 -28.43
CA PHE A 626 -6.33 -4.32 -27.80
C PHE A 626 -5.73 -3.02 -27.21
N THR A 627 -6.55 -2.04 -26.88
CA THR A 627 -6.11 -0.96 -26.01
C THR A 627 -6.18 -1.46 -24.55
N LEU A 628 -5.06 -1.31 -23.80
CA LEU A 628 -4.97 -1.95 -22.42
C LEU A 628 -4.84 -0.86 -21.35
N LEU A 629 -5.68 -0.91 -20.32
CA LEU A 629 -5.63 0.11 -19.30
C LEU A 629 -5.24 -0.60 -18.02
N PHE A 630 -4.04 -0.26 -17.49
CA PHE A 630 -3.53 -0.75 -16.20
C PHE A 630 -3.51 0.38 -15.17
N PRO A 631 -3.59 0.08 -13.86
CA PRO A 631 -3.48 1.17 -12.91
C PRO A 631 -2.04 1.67 -12.86
N GLN A 632 -1.86 2.94 -12.52
CA GLN A 632 -0.55 3.61 -12.55
C GLN A 632 -0.46 4.67 -11.40
N SER A 633 -1.37 5.65 -11.35
CA SER A 633 -1.33 6.70 -10.31
C SER A 633 -2.07 6.36 -9.04
N LEU A 634 -2.94 5.35 -9.08
CA LEU A 634 -3.50 4.84 -7.84
C LEU A 634 -3.18 3.37 -7.68
N PRO A 635 -3.18 2.87 -6.45
CA PRO A 635 -2.84 1.46 -6.23
C PRO A 635 -3.84 0.56 -6.95
N ALA A 636 -3.37 -0.58 -7.47
CA ALA A 636 -4.26 -1.54 -8.14
C ALA A 636 -5.07 -2.32 -7.09
N GLY A 637 -4.54 -2.37 -5.87
CA GLY A 637 -5.24 -3.14 -4.83
C GLY A 637 -6.33 -2.30 -4.12
N ASP A 638 -6.62 -2.70 -2.90
CA ASP A 638 -7.67 -2.07 -2.13
C ASP A 638 -7.55 -0.62 -1.81
N GLY A 639 -6.34 -0.09 -1.83
CA GLY A 639 -6.17 1.36 -1.58
C GLY A 639 -6.75 2.26 -2.64
N GLY A 640 -6.99 1.76 -3.86
CA GLY A 640 -7.76 2.54 -4.89
C GLY A 640 -9.27 2.33 -4.94
N LEU A 641 -9.78 1.51 -4.04
CA LEU A 641 -11.17 1.05 -4.10
C LEU A 641 -12.24 2.17 -3.88
N SER A 642 -11.96 3.10 -2.95
CA SER A 642 -12.92 4.15 -2.64
C SER A 642 -13.12 4.99 -3.87
N LEU A 643 -12.07 5.21 -4.64
CA LEU A 643 -12.29 6.02 -5.85
C LEU A 643 -13.25 5.34 -6.84
N GLY A 644 -13.07 4.03 -7.05
CA GLY A 644 -14.01 3.27 -7.88
C GLY A 644 -15.43 3.37 -7.32
N GLN A 645 -15.62 3.27 -6.01
CA GLN A 645 -16.99 3.40 -5.44
C GLN A 645 -17.65 4.77 -5.75
N GLY A 646 -16.80 5.80 -5.66
CA GLY A 646 -17.24 7.16 -5.84
C GLY A 646 -17.64 7.44 -7.27
N VAL A 647 -16.87 6.95 -8.26
CA VAL A 647 -17.30 7.19 -9.64
C VAL A 647 -18.53 6.38 -10.02
N ILE A 648 -18.70 5.18 -9.50
CA ILE A 648 -19.95 4.45 -9.75
C ILE A 648 -21.16 5.17 -9.15
N ALA A 649 -21.08 5.55 -7.88
CA ALA A 649 -22.13 6.37 -7.25
C ALA A 649 -22.45 7.63 -8.07
N ALA A 650 -21.40 8.30 -8.53
CA ALA A 650 -21.60 9.52 -9.28
C ALA A 650 -22.34 9.20 -10.58
N ALA A 651 -21.87 8.19 -11.31
CA ALA A 651 -22.48 7.90 -12.63
C ALA A 651 -23.95 7.49 -12.52
N ARG A 652 -24.28 6.68 -11.52
CA ARG A 652 -25.64 6.30 -11.20
C ARG A 652 -26.52 7.58 -10.94
N TRP A 653 -26.00 8.51 -10.15
CA TRP A 653 -26.74 9.75 -9.84
C TRP A 653 -26.95 10.56 -11.15
N LEU A 654 -25.87 10.62 -11.96
CA LEU A 654 -25.88 11.41 -13.21
C LEU A 654 -26.90 10.87 -14.21
N ALA A 655 -27.07 9.56 -14.20
CA ALA A 655 -28.15 8.88 -14.90
C ALA A 655 -29.56 9.01 -14.27
N GLY A 656 -29.67 9.53 -13.05
CA GLY A 656 -30.96 9.73 -12.34
C GLY A 656 -31.64 8.46 -11.81
N GLU A 657 -30.86 7.52 -11.25
CA GLU A 657 -31.39 6.26 -10.70
C GLU A 657 -31.48 6.33 -9.19
ZN ZN B . 12.39 25.23 3.08
ZN ZN C . 12.64 32.06 17.05
ZN ZN D . -9.61 -6.30 -3.79
MG MG E . 24.86 0.76 -5.44
PB ADP F . -8.27 -8.22 -1.32
O1B ADP F . -8.18 -8.23 0.23
O2B ADP F . -7.81 -9.52 -1.91
O3B ADP F . -9.64 -7.64 -1.80
PA ADP F . -6.39 -6.48 -2.88
O1A ADP F . -5.44 -5.31 -2.40
O2A ADP F . -7.27 -6.33 -4.12
O3A ADP F . -7.13 -7.08 -1.56
O5' ADP F . -5.42 -7.76 -3.29
C5' ADP F . -4.38 -8.17 -2.41
C4' ADP F . -4.16 -9.66 -2.68
O4' ADP F . -3.58 -9.77 -4.00
C3' ADP F . -3.10 -10.26 -1.76
O3' ADP F . -3.58 -10.75 -0.52
C2' ADP F . -2.52 -11.40 -2.59
O2' ADP F . -3.52 -12.43 -2.53
C1' ADP F . -2.53 -10.81 -4.01
N9 ADP F . -1.18 -10.33 -4.47
C8 ADP F . -0.44 -9.28 -3.99
N7 ADP F . 0.74 -9.18 -4.67
C5 ADP F . 0.77 -10.15 -5.59
C6 ADP F . 1.73 -10.61 -6.64
N6 ADP F . 2.91 -9.99 -6.85
N1 ADP F . 1.35 -11.69 -7.39
C2 ADP F . 0.17 -12.31 -7.22
N3 ADP F . -0.76 -11.96 -6.28
C4 ADP F . -0.50 -10.91 -5.45
PG ANP G . 3.02 -1.99 10.01
O1G ANP G . 3.67 -3.04 10.77
O2G ANP G . 2.99 -2.44 8.61
O3G ANP G . 1.64 -1.79 10.39
PB ANP G . 3.25 0.63 9.09
O1B ANP G . 1.94 1.21 9.58
O2B ANP G . 4.32 1.62 8.80
N3B ANP G . 3.72 -0.57 10.08
PA ANP G . 3.98 -1.15 7.02
O1A ANP G . 3.11 -1.96 6.14
O2A ANP G . 5.06 -1.78 7.63
O3A ANP G . 2.98 -0.16 7.69
O5' ANP G . 5.41 -0.21 6.75
C5' ANP G . 6.06 0.40 5.55
C4' ANP G . 5.87 -0.07 4.03
O4' ANP G . 6.93 -0.11 3.00
C3' ANP G . 5.15 -1.37 3.77
O3' ANP G . 4.11 -1.02 2.89
C2' ANP G . 6.02 -2.19 2.87
O2' ANP G . 5.22 -3.09 2.12
C1' ANP G . 6.70 -1.15 2.02
N9 ANP G . 7.84 -1.88 1.40
C8 ANP G . 9.08 -1.79 1.82
N7 ANP G . 9.92 -2.55 1.13
C5 ANP G . 9.25 -3.20 0.24
C6 ANP G . 9.58 -4.21 -0.81
N6 ANP G . 10.83 -4.61 -0.96
N1 ANP G . 8.63 -4.70 -1.58
C2 ANP G . 7.39 -4.27 -1.41
N3 ANP G . 7.03 -3.37 -0.47
C4 ANP G . 7.87 -2.78 0.40
#